data_8X0R
#
_entry.id   8X0R
#
_entity_poly.entity_id   1
_entity_poly.type   'polypeptide(L)'
_entity_poly.pdbx_seq_one_letter_code
;AHIDCDKECNRRCSKASAHDRCLKYCGICCEKCNCVPPGTYGNEDSCPCYANLKNSKGGHKCP
;
_entity_poly.pdbx_strand_id   A
#
# COMPACT_ATOMS: atom_id res chain seq x y z
N ALA A 1 -14.62 5.12 7.32
CA ALA A 1 -14.99 3.74 7.04
C ALA A 1 -13.83 3.04 6.35
N HIS A 2 -13.87 1.72 6.37
CA HIS A 2 -12.83 0.92 5.74
C HIS A 2 -12.94 1.02 4.22
N ILE A 3 -11.80 1.20 3.58
CA ILE A 3 -11.76 1.31 2.13
C ILE A 3 -11.23 0.00 1.54
N ASP A 4 -11.55 -0.21 0.27
CA ASP A 4 -11.11 -1.40 -0.43
C ASP A 4 -9.65 -1.24 -0.84
N CYS A 5 -8.76 -1.54 0.10
CA CYS A 5 -7.34 -1.43 -0.15
C CYS A 5 -6.91 -2.65 -0.97
N ASP A 6 -7.71 -3.70 -0.88
CA ASP A 6 -7.43 -4.92 -1.60
C ASP A 6 -7.83 -4.76 -3.06
N LYS A 7 -9.05 -4.26 -3.25
CA LYS A 7 -9.57 -4.04 -4.59
C LYS A 7 -8.75 -2.96 -5.29
N GLU A 8 -8.27 -2.02 -4.49
CA GLU A 8 -7.47 -0.92 -5.01
C GLU A 8 -6.04 -1.39 -5.28
N CYS A 9 -5.46 -2.04 -4.29
CA CYS A 9 -4.10 -2.54 -4.41
C CYS A 9 -4.06 -3.52 -5.59
N ASN A 10 -5.20 -4.13 -5.85
CA ASN A 10 -5.30 -5.09 -6.94
C ASN A 10 -4.76 -4.46 -8.22
N ARG A 11 -4.76 -3.13 -8.23
CA ARG A 11 -4.28 -2.39 -9.39
C ARG A 11 -2.79 -2.06 -9.23
N ARG A 12 -2.45 -1.55 -8.05
CA ARG A 12 -1.07 -1.20 -7.75
C ARG A 12 -0.13 -2.35 -8.17
N CYS A 13 -0.52 -3.55 -7.76
CA CYS A 13 0.28 -4.73 -8.07
C CYS A 13 -0.58 -5.68 -8.91
N SER A 14 -1.32 -5.10 -9.84
CA SER A 14 -2.19 -5.88 -10.71
C SER A 14 -1.35 -6.81 -11.59
N LYS A 15 -0.14 -6.37 -11.87
CA LYS A 15 0.77 -7.14 -12.69
C LYS A 15 2.16 -7.17 -12.04
N ALA A 16 2.16 -7.20 -10.71
CA ALA A 16 3.40 -7.22 -9.96
C ALA A 16 3.81 -8.67 -9.71
N SER A 17 5.09 -8.94 -9.93
CA SER A 17 5.63 -10.28 -9.74
C SER A 17 5.06 -10.88 -8.46
N ALA A 18 4.86 -10.02 -7.47
CA ALA A 18 4.33 -10.46 -6.18
C ALA A 18 2.88 -9.99 -6.05
N HIS A 19 2.07 -10.39 -7.02
CA HIS A 19 0.67 -10.02 -7.03
C HIS A 19 0.03 -10.41 -5.69
N ASP A 20 0.68 -11.33 -5.00
CA ASP A 20 0.19 -11.79 -3.72
C ASP A 20 0.93 -11.06 -2.60
N ARG A 21 2.18 -11.43 -2.41
CA ARG A 21 3.01 -10.82 -1.39
C ARG A 21 2.75 -9.31 -1.33
N CYS A 22 2.37 -8.76 -2.47
CA CYS A 22 2.09 -7.34 -2.57
C CYS A 22 0.71 -7.08 -1.96
N LEU A 23 -0.30 -7.55 -2.67
CA LEU A 23 -1.67 -7.38 -2.22
C LEU A 23 -1.77 -7.76 -0.74
N LYS A 24 -1.46 -9.01 -0.46
CA LYS A 24 -1.50 -9.50 0.90
C LYS A 24 -0.94 -8.44 1.85
N TYR A 25 0.32 -8.11 1.64
CA TYR A 25 0.98 -7.11 2.46
C TYR A 25 0.12 -5.85 2.60
N CYS A 26 -0.54 -5.51 1.50
CA CYS A 26 -1.40 -4.34 1.49
C CYS A 26 -2.63 -4.64 2.35
N GLY A 27 -3.04 -5.90 2.33
CA GLY A 27 -4.19 -6.32 3.09
C GLY A 27 -4.00 -6.02 4.59
N ILE A 28 -2.74 -5.84 4.96
CA ILE A 28 -2.41 -5.54 6.35
C ILE A 28 -2.17 -4.03 6.51
N CYS A 29 -1.25 -3.54 5.69
CA CYS A 29 -0.91 -2.13 5.73
C CYS A 29 -2.20 -1.32 5.72
N CYS A 30 -3.19 -1.86 5.03
CA CYS A 30 -4.49 -1.20 4.93
C CYS A 30 -5.01 -0.97 6.35
N GLU A 31 -4.93 -2.02 7.16
CA GLU A 31 -5.40 -1.94 8.53
C GLU A 31 -4.62 -0.87 9.29
N LYS A 32 -3.35 -0.74 8.94
CA LYS A 32 -2.48 0.24 9.58
C LYS A 32 -2.96 1.65 9.22
N CYS A 33 -3.30 1.80 7.94
CA CYS A 33 -3.77 3.09 7.44
C CYS A 33 -4.51 2.86 6.13
N ASN A 34 -5.81 3.13 6.17
CA ASN A 34 -6.65 2.95 5.00
C ASN A 34 -6.27 4.00 3.95
N CYS A 35 -5.19 3.74 3.23
CA CYS A 35 -4.72 4.65 2.22
C CYS A 35 -4.21 3.83 1.03
N VAL A 36 -4.63 4.22 -0.16
CA VAL A 36 -4.22 3.53 -1.37
C VAL A 36 -3.92 4.56 -2.46
N PRO A 37 -2.61 4.86 -2.61
CA PRO A 37 -2.17 5.82 -3.61
C PRO A 37 -2.24 5.22 -5.01
N PRO A 38 -2.27 6.11 -6.03
CA PRO A 38 -2.32 5.68 -7.42
C PRO A 38 -0.96 5.16 -7.89
N GLY A 39 -1.01 4.21 -8.80
CA GLY A 39 0.21 3.62 -9.34
C GLY A 39 1.27 3.48 -8.25
N THR A 40 2.44 4.01 -8.55
CA THR A 40 3.55 3.95 -7.61
C THR A 40 4.53 5.11 -7.86
N TYR A 41 4.58 6.01 -6.89
CA TYR A 41 5.46 7.17 -7.00
C TYR A 41 5.26 8.12 -5.82
N GLY A 42 5.80 9.32 -5.97
CA GLY A 42 5.68 10.32 -4.92
C GLY A 42 4.22 10.49 -4.49
N ASN A 43 3.33 10.05 -5.35
CA ASN A 43 1.90 10.15 -5.07
C ASN A 43 1.66 9.85 -3.58
N GLU A 44 2.52 9.01 -3.04
CA GLU A 44 2.40 8.64 -1.63
C GLU A 44 2.01 9.85 -0.79
N ASP A 45 2.73 10.94 -1.01
CA ASP A 45 2.46 12.17 -0.29
C ASP A 45 0.95 12.35 -0.15
N SER A 46 0.27 12.21 -1.28
CA SER A 46 -1.18 12.36 -1.29
C SER A 46 -1.80 11.61 -0.12
N CYS A 47 -1.34 10.38 0.06
CA CYS A 47 -1.84 9.54 1.15
C CYS A 47 -0.67 9.22 2.08
N PRO A 48 -0.45 10.14 3.05
CA PRO A 48 0.63 9.96 4.02
C PRO A 48 0.27 8.89 5.06
N CYS A 49 -1.03 8.66 5.19
CA CYS A 49 -1.52 7.69 6.14
C CYS A 49 -0.72 6.39 5.96
N TYR A 50 -0.50 6.05 4.69
CA TYR A 50 0.26 4.84 4.37
C TYR A 50 1.72 5.17 4.07
N ALA A 51 1.92 6.37 3.53
CA ALA A 51 3.26 6.82 3.19
C ALA A 51 4.15 6.77 4.44
N ASN A 52 3.73 7.54 5.44
CA ASN A 52 4.47 7.59 6.69
C ASN A 52 4.69 6.17 7.21
N LEU A 53 3.82 5.28 6.77
CA LEU A 53 3.90 3.89 7.19
C LEU A 53 5.20 3.29 6.68
N LYS A 54 6.17 3.18 7.59
CA LYS A 54 7.46 2.62 7.25
C LYS A 54 7.96 1.75 8.41
N ASN A 55 9.11 1.14 8.20
CA ASN A 55 9.69 0.27 9.20
C ASN A 55 10.72 1.07 10.01
N SER A 56 11.43 0.35 10.87
CA SER A 56 12.44 0.98 11.71
C SER A 56 13.64 1.43 10.85
N LYS A 57 14.03 0.55 9.95
CA LYS A 57 15.15 0.83 9.07
C LYS A 57 14.91 2.17 8.37
N GLY A 58 13.65 2.55 8.31
CA GLY A 58 13.28 3.82 7.69
C GLY A 58 12.95 3.61 6.20
N GLY A 59 12.62 2.36 5.87
CA GLY A 59 12.29 2.03 4.50
C GLY A 59 10.81 1.62 4.37
N HIS A 60 10.26 1.85 3.20
CA HIS A 60 8.88 1.51 2.93
C HIS A 60 8.65 0.02 3.18
N LYS A 61 8.09 -0.28 4.33
CA LYS A 61 7.82 -1.67 4.69
C LYS A 61 6.68 -2.21 3.82
N CYS A 62 5.77 -1.31 3.47
CA CYS A 62 4.63 -1.68 2.65
C CYS A 62 5.03 -1.48 1.18
N PRO A 63 4.35 -2.26 0.29
CA PRO A 63 4.62 -2.17 -1.13
C PRO A 63 4.01 -0.90 -1.73
N ALA A 1 -15.54 4.27 7.37
CA ALA A 1 -15.75 2.95 6.81
C ALA A 1 -14.45 2.47 6.15
N HIS A 2 -14.21 1.17 6.30
CA HIS A 2 -13.01 0.58 5.73
C HIS A 2 -13.04 0.72 4.21
N ILE A 3 -11.95 1.25 3.68
CA ILE A 3 -11.84 1.43 2.24
C ILE A 3 -11.37 0.14 1.59
N ASP A 4 -11.20 0.19 0.27
CA ASP A 4 -10.75 -0.97 -0.47
C ASP A 4 -9.28 -0.81 -0.83
N CYS A 5 -8.44 -1.24 0.10
CA CYS A 5 -6.99 -1.16 -0.10
C CYS A 5 -6.55 -2.34 -0.97
N ASP A 6 -7.27 -3.45 -0.80
CA ASP A 6 -6.96 -4.65 -1.55
C ASP A 6 -7.47 -4.50 -2.98
N LYS A 7 -8.76 -4.21 -3.08
CA LYS A 7 -9.39 -4.03 -4.38
C LYS A 7 -8.63 -2.95 -5.17
N GLU A 8 -8.17 -1.95 -4.44
CA GLU A 8 -7.44 -0.85 -5.05
C GLU A 8 -6.01 -1.29 -5.36
N CYS A 9 -5.41 -1.98 -4.40
CA CYS A 9 -4.04 -2.45 -4.56
C CYS A 9 -4.01 -3.45 -5.72
N ASN A 10 -5.17 -4.05 -5.97
CA ASN A 10 -5.29 -5.02 -7.04
C ASN A 10 -4.95 -4.34 -8.38
N ARG A 11 -4.94 -3.03 -8.35
CA ARG A 11 -4.63 -2.25 -9.55
C ARG A 11 -3.16 -1.83 -9.54
N ARG A 12 -2.71 -1.39 -8.37
CA ARG A 12 -1.32 -0.96 -8.23
C ARG A 12 -0.38 -2.13 -8.53
N CYS A 13 -0.69 -3.28 -7.96
CA CYS A 13 0.12 -4.46 -8.16
C CYS A 13 -0.68 -5.46 -9.00
N SER A 14 -1.56 -4.91 -9.83
CA SER A 14 -2.38 -5.74 -10.69
C SER A 14 -1.50 -6.68 -11.51
N LYS A 15 -0.35 -6.17 -11.91
CA LYS A 15 0.58 -6.95 -12.70
C LYS A 15 1.97 -6.88 -12.06
N ALA A 16 1.98 -6.88 -10.74
CA ALA A 16 3.22 -6.82 -9.99
C ALA A 16 3.73 -8.24 -9.73
N SER A 17 5.01 -8.43 -10.00
CA SER A 17 5.63 -9.74 -9.79
C SER A 17 5.11 -10.37 -8.50
N ALA A 18 4.86 -9.50 -7.52
CA ALA A 18 4.37 -9.97 -6.23
C ALA A 18 2.87 -9.66 -6.13
N HIS A 19 2.12 -10.26 -7.04
CA HIS A 19 0.67 -10.06 -7.07
C HIS A 19 0.10 -10.34 -5.67
N ASP A 20 0.76 -11.24 -4.97
CA ASP A 20 0.32 -11.61 -3.63
C ASP A 20 1.16 -10.86 -2.60
N ARG A 21 2.44 -11.21 -2.54
CA ARG A 21 3.36 -10.58 -1.60
C ARG A 21 3.06 -9.08 -1.51
N CYS A 22 2.57 -8.54 -2.61
CA CYS A 22 2.24 -7.12 -2.66
C CYS A 22 0.89 -6.92 -1.98
N LEU A 23 -0.16 -7.35 -2.67
CA LEU A 23 -1.51 -7.22 -2.14
C LEU A 23 -1.51 -7.57 -0.66
N LYS A 24 -1.13 -8.82 -0.38
CA LYS A 24 -1.09 -9.29 0.99
C LYS A 24 -0.52 -8.19 1.89
N TYR A 25 0.73 -7.84 1.62
CA TYR A 25 1.39 -6.81 2.39
C TYR A 25 0.53 -5.55 2.48
N CYS A 26 -0.21 -5.30 1.43
CA CYS A 26 -1.08 -4.13 1.37
C CYS A 26 -2.30 -4.41 2.26
N GLY A 27 -2.64 -5.69 2.38
CA GLY A 27 -3.77 -6.10 3.19
C GLY A 27 -3.58 -5.70 4.65
N ILE A 28 -2.33 -5.79 5.09
CA ILE A 28 -1.99 -5.43 6.46
C ILE A 28 -1.79 -3.92 6.56
N CYS A 29 -1.05 -3.39 5.59
CA CYS A 29 -0.77 -1.95 5.57
C CYS A 29 -2.11 -1.21 5.67
N CYS A 30 -3.11 -1.76 5.01
CA CYS A 30 -4.44 -1.16 5.02
C CYS A 30 -4.83 -0.92 6.48
N GLU A 31 -4.61 -1.93 7.29
CA GLU A 31 -4.95 -1.84 8.71
C GLU A 31 -4.12 -0.74 9.38
N LYS A 32 -2.87 -0.63 8.95
CA LYS A 32 -1.98 0.37 9.50
C LYS A 32 -2.51 1.76 9.16
N CYS A 33 -2.96 1.90 7.91
CA CYS A 33 -3.50 3.17 7.45
C CYS A 33 -4.32 2.90 6.20
N ASN A 34 -5.63 3.15 6.32
CA ASN A 34 -6.54 2.94 5.21
C ASN A 34 -6.23 3.97 4.11
N CYS A 35 -5.20 3.67 3.34
CA CYS A 35 -4.80 4.55 2.26
C CYS A 35 -4.37 3.69 1.06
N VAL A 36 -4.50 4.27 -0.12
CA VAL A 36 -4.14 3.57 -1.34
C VAL A 36 -3.90 4.59 -2.45
N PRO A 37 -2.60 4.91 -2.68
CA PRO A 37 -2.24 5.87 -3.70
C PRO A 37 -2.35 5.24 -5.10
N PRO A 38 -2.47 6.13 -6.13
CA PRO A 38 -2.57 5.68 -7.50
C PRO A 38 -1.23 5.19 -8.03
N GLY A 39 -1.31 4.23 -8.95
CA GLY A 39 -0.10 3.68 -9.53
C GLY A 39 1.02 3.56 -8.50
N THR A 40 2.17 4.11 -8.85
CA THR A 40 3.32 4.07 -7.97
C THR A 40 4.25 5.24 -8.25
N TYR A 41 4.34 6.14 -7.28
CA TYR A 41 5.20 7.31 -7.42
C TYR A 41 5.02 8.25 -6.24
N GLY A 42 5.54 9.47 -6.40
CA GLY A 42 5.45 10.47 -5.36
C GLY A 42 4.01 10.61 -4.85
N ASN A 43 3.08 10.16 -5.68
CA ASN A 43 1.68 10.24 -5.33
C ASN A 43 1.51 9.94 -3.84
N GLU A 44 2.40 9.10 -3.33
CA GLU A 44 2.35 8.73 -1.92
C GLU A 44 1.98 9.94 -1.07
N ASP A 45 2.66 11.04 -1.32
CA ASP A 45 2.41 12.26 -0.58
C ASP A 45 0.90 12.43 -0.37
N SER A 46 0.16 12.27 -1.47
CA SER A 46 -1.28 12.40 -1.43
C SER A 46 -1.83 11.63 -0.22
N CYS A 47 -1.35 10.41 -0.07
CA CYS A 47 -1.78 9.57 1.03
C CYS A 47 -0.58 9.27 1.92
N PRO A 48 -0.33 10.20 2.89
CA PRO A 48 0.78 10.06 3.81
C PRO A 48 0.49 8.99 4.86
N CYS A 49 -0.80 8.72 5.05
CA CYS A 49 -1.23 7.73 6.01
C CYS A 49 -0.49 6.43 5.73
N TYR A 50 -0.25 6.19 4.45
CA TYR A 50 0.45 4.98 4.02
C TYR A 50 1.89 5.30 3.62
N ALA A 51 2.11 6.55 3.25
CA ALA A 51 3.43 6.99 2.85
C ALA A 51 4.37 6.96 4.06
N ASN A 52 3.98 7.72 5.08
CA ASN A 52 4.77 7.78 6.30
C ASN A 52 5.07 6.37 6.79
N LEU A 53 4.08 5.50 6.62
CA LEU A 53 4.21 4.12 7.05
C LEU A 53 5.63 3.62 6.70
N LYS A 54 6.24 2.97 7.68
CA LYS A 54 7.58 2.44 7.50
C LYS A 54 7.76 1.21 8.38
N ASN A 55 9.00 0.73 8.42
CA ASN A 55 9.33 -0.44 9.22
C ASN A 55 10.17 -0.01 10.42
N SER A 56 10.61 -1.01 11.17
CA SER A 56 11.44 -0.75 12.34
C SER A 56 12.76 -0.10 11.93
N LYS A 57 13.07 -0.24 10.65
CA LYS A 57 14.30 0.33 10.11
C LYS A 57 14.00 1.69 9.49
N GLY A 58 12.85 2.22 9.85
CA GLY A 58 12.43 3.52 9.33
C GLY A 58 12.47 3.55 7.81
N GLY A 59 12.01 2.45 7.21
CA GLY A 59 11.99 2.33 5.77
C GLY A 59 10.63 1.84 5.28
N HIS A 60 10.36 2.09 4.01
CA HIS A 60 9.12 1.67 3.40
C HIS A 60 8.89 0.18 3.67
N LYS A 61 8.06 -0.10 4.66
CA LYS A 61 7.75 -1.47 5.02
C LYS A 61 6.67 -2.00 4.09
N CYS A 62 5.98 -1.08 3.43
CA CYS A 62 4.91 -1.45 2.52
C CYS A 62 5.48 -1.47 1.11
N PRO A 63 4.79 -2.24 0.22
CA PRO A 63 5.23 -2.35 -1.16
C PRO A 63 4.89 -1.09 -1.95
N ALA A 1 -15.79 4.46 6.71
CA ALA A 1 -15.36 3.12 7.02
C ALA A 1 -14.07 2.81 6.25
N HIS A 2 -13.53 1.63 6.52
CA HIS A 2 -12.30 1.21 5.85
C HIS A 2 -12.51 1.21 4.34
N ILE A 3 -11.40 1.41 3.63
CA ILE A 3 -11.45 1.44 2.18
C ILE A 3 -10.88 0.13 1.62
N ASP A 4 -11.23 -0.15 0.38
CA ASP A 4 -10.77 -1.36 -0.27
C ASP A 4 -9.34 -1.16 -0.77
N CYS A 5 -8.39 -1.38 0.14
CA CYS A 5 -6.99 -1.23 -0.19
C CYS A 5 -6.56 -2.42 -1.04
N ASP A 6 -7.30 -3.51 -0.89
CA ASP A 6 -7.01 -4.73 -1.64
C ASP A 6 -7.58 -4.59 -3.06
N LYS A 7 -8.83 -4.20 -3.12
CA LYS A 7 -9.50 -4.03 -4.40
C LYS A 7 -8.77 -2.96 -5.22
N GLU A 8 -8.18 -2.01 -4.50
CA GLU A 8 -7.44 -0.93 -5.13
C GLU A 8 -6.02 -1.38 -5.47
N CYS A 9 -5.38 -1.99 -4.49
CA CYS A 9 -4.02 -2.46 -4.67
C CYS A 9 -4.02 -3.52 -5.78
N ASN A 10 -5.19 -4.12 -5.96
CA ASN A 10 -5.33 -5.16 -6.98
C ASN A 10 -5.06 -4.54 -8.36
N ARG A 11 -5.06 -3.22 -8.40
CA ARG A 11 -4.81 -2.50 -9.63
C ARG A 11 -3.34 -2.11 -9.74
N ARG A 12 -2.80 -1.65 -8.62
CA ARG A 12 -1.41 -1.24 -8.56
C ARG A 12 -0.49 -2.44 -8.82
N CYS A 13 -0.81 -3.53 -8.14
CA CYS A 13 -0.02 -4.75 -8.28
C CYS A 13 -0.85 -5.76 -9.07
N SER A 14 -1.78 -5.24 -9.86
CA SER A 14 -2.64 -6.09 -10.67
C SER A 14 -1.79 -7.06 -11.50
N LYS A 15 -0.64 -6.58 -11.92
CA LYS A 15 0.26 -7.39 -12.72
C LYS A 15 1.68 -7.32 -12.11
N ALA A 16 1.71 -7.27 -10.79
CA ALA A 16 2.97 -7.20 -10.07
C ALA A 16 3.45 -8.62 -9.77
N SER A 17 4.73 -8.85 -10.06
CA SER A 17 5.33 -10.15 -9.82
C SER A 17 4.81 -10.74 -8.52
N ALA A 18 4.59 -9.87 -7.55
CA ALA A 18 4.09 -10.29 -6.25
C ALA A 18 2.61 -9.94 -6.15
N HIS A 19 1.82 -10.53 -7.04
CA HIS A 19 0.39 -10.29 -7.06
C HIS A 19 -0.19 -10.54 -5.66
N ASP A 20 0.47 -11.44 -4.93
CA ASP A 20 0.03 -11.77 -3.59
C ASP A 20 0.89 -11.00 -2.57
N ARG A 21 2.15 -11.40 -2.51
CA ARG A 21 3.08 -10.76 -1.59
C ARG A 21 2.82 -9.25 -1.53
N CYS A 22 2.34 -8.73 -2.65
CA CYS A 22 2.05 -7.30 -2.74
C CYS A 22 0.71 -7.05 -2.05
N LEU A 23 -0.35 -7.48 -2.71
CA LEU A 23 -1.70 -7.30 -2.17
C LEU A 23 -1.68 -7.60 -0.67
N LYS A 24 -1.31 -8.84 -0.35
CA LYS A 24 -1.26 -9.26 1.04
C LYS A 24 -0.67 -8.13 1.89
N TYR A 25 0.57 -7.79 1.58
CA TYR A 25 1.26 -6.73 2.30
C TYR A 25 0.40 -5.46 2.37
N CYS A 26 -0.36 -5.24 1.31
CA CYS A 26 -1.23 -4.09 1.24
C CYS A 26 -2.43 -4.33 2.15
N GLY A 27 -2.76 -5.60 2.31
CA GLY A 27 -3.89 -5.98 3.15
C GLY A 27 -3.65 -5.59 4.60
N ILE A 28 -2.37 -5.58 4.98
CA ILE A 28 -2.00 -5.23 6.33
C ILE A 28 -1.77 -3.72 6.42
N CYS A 29 -0.98 -3.21 5.49
CA CYS A 29 -0.67 -1.80 5.45
C CYS A 29 -1.99 -1.02 5.56
N CYS A 30 -3.06 -1.67 5.11
CA CYS A 30 -4.37 -1.06 5.15
C CYS A 30 -4.79 -0.92 6.62
N GLU A 31 -4.58 -1.99 7.36
CA GLU A 31 -4.93 -2.00 8.77
C GLU A 31 -4.29 -0.81 9.50
N LYS A 32 -3.04 -0.56 9.17
CA LYS A 32 -2.30 0.54 9.77
C LYS A 32 -2.91 1.86 9.30
N CYS A 33 -3.05 1.98 7.99
CA CYS A 33 -3.61 3.19 7.40
C CYS A 33 -4.30 2.81 6.09
N ASN A 34 -5.62 2.97 6.09
CA ASN A 34 -6.40 2.65 4.92
C ASN A 34 -6.20 3.72 3.85
N CYS A 35 -5.08 3.60 3.15
CA CYS A 35 -4.74 4.55 2.10
C CYS A 35 -4.26 3.77 0.88
N VAL A 36 -4.63 4.29 -0.29
CA VAL A 36 -4.25 3.64 -1.54
C VAL A 36 -4.06 4.72 -2.62
N PRO A 37 -2.76 5.10 -2.82
CA PRO A 37 -2.43 6.11 -3.81
C PRO A 37 -2.52 5.53 -5.23
N PRO A 38 -2.58 6.47 -6.22
CA PRO A 38 -2.67 6.07 -7.61
C PRO A 38 -1.33 5.54 -8.12
N GLY A 39 -1.42 4.62 -9.07
CA GLY A 39 -0.22 4.03 -9.65
C GLY A 39 0.87 3.84 -8.59
N THR A 40 2.04 4.35 -8.90
CA THR A 40 3.17 4.24 -7.99
C THR A 40 4.16 5.38 -8.22
N TYR A 41 4.26 6.26 -7.24
CA TYR A 41 5.16 7.38 -7.32
C TYR A 41 5.01 8.31 -6.11
N GLY A 42 5.57 9.50 -6.24
CA GLY A 42 5.50 10.48 -5.17
C GLY A 42 4.07 10.66 -4.68
N ASN A 43 3.13 10.26 -5.54
CA ASN A 43 1.72 10.37 -5.20
C ASN A 43 1.52 10.02 -3.73
N GLU A 44 2.38 9.14 -3.23
CA GLU A 44 2.30 8.72 -1.85
C GLU A 44 1.95 9.91 -0.95
N ASP A 45 2.68 11.00 -1.15
CA ASP A 45 2.45 12.20 -0.37
C ASP A 45 0.95 12.42 -0.18
N SER A 46 0.23 12.32 -1.29
CA SER A 46 -1.22 12.49 -1.26
C SER A 46 -1.81 11.70 -0.08
N CYS A 47 -1.36 10.47 0.05
CA CYS A 47 -1.84 9.61 1.12
C CYS A 47 -0.66 9.27 2.03
N PRO A 48 -0.42 10.17 3.02
CA PRO A 48 0.68 9.98 3.95
C PRO A 48 0.33 8.91 4.98
N CYS A 49 -0.97 8.67 5.13
CA CYS A 49 -1.44 7.67 6.08
C CYS A 49 -0.72 6.35 5.78
N TYR A 50 -0.52 6.09 4.49
CA TYR A 50 0.14 4.88 4.07
C TYR A 50 1.61 5.15 3.69
N ALA A 51 1.85 6.40 3.32
CA ALA A 51 3.19 6.82 2.94
C ALA A 51 4.14 6.63 4.13
N ASN A 52 3.77 7.25 5.24
CA ASN A 52 4.57 7.16 6.45
C ASN A 52 4.71 5.69 6.86
N LEU A 53 3.64 4.93 6.62
CA LEU A 53 3.64 3.52 6.95
C LEU A 53 5.00 2.92 6.60
N LYS A 54 5.80 2.68 7.63
CA LYS A 54 7.12 2.10 7.44
C LYS A 54 7.46 1.23 8.65
N ASN A 55 8.60 0.56 8.54
CA ASN A 55 9.07 -0.32 9.61
C ASN A 55 9.98 0.47 10.54
N SER A 56 10.57 -0.25 11.48
CA SER A 56 11.47 0.36 12.44
C SER A 56 12.82 0.65 11.78
N LYS A 57 13.18 -0.22 10.85
CA LYS A 57 14.44 -0.07 10.13
C LYS A 57 14.43 1.26 9.38
N GLY A 58 13.24 1.80 9.20
CA GLY A 58 13.09 3.06 8.49
C GLY A 58 13.01 2.85 6.97
N GLY A 59 12.58 1.65 6.61
CA GLY A 59 12.45 1.30 5.20
C GLY A 59 10.99 1.08 4.82
N HIS A 60 10.71 1.33 3.55
CA HIS A 60 9.36 1.16 3.03
C HIS A 60 8.86 -0.25 3.34
N LYS A 61 8.19 -0.37 4.48
CA LYS A 61 7.66 -1.66 4.89
C LYS A 61 6.54 -2.09 3.94
N CYS A 62 5.86 -1.08 3.39
CA CYS A 62 4.77 -1.32 2.47
C CYS A 62 5.35 -1.43 1.05
N PRO A 63 4.61 -2.16 0.18
CA PRO A 63 5.03 -2.36 -1.20
C PRO A 63 4.82 -1.08 -2.02
N ALA A 1 -15.34 5.50 6.70
CA ALA A 1 -15.75 4.37 5.86
C ALA A 1 -14.51 3.72 5.27
N HIS A 2 -14.35 2.44 5.58
CA HIS A 2 -13.21 1.68 5.09
C HIS A 2 -13.14 1.79 3.57
N ILE A 3 -11.92 1.86 3.07
CA ILE A 3 -11.70 1.98 1.63
C ILE A 3 -11.22 0.63 1.09
N ASP A 4 -10.94 0.61 -0.20
CA ASP A 4 -10.47 -0.60 -0.86
C ASP A 4 -8.97 -0.49 -1.10
N CYS A 5 -8.21 -0.98 -0.14
CA CYS A 5 -6.76 -0.94 -0.24
C CYS A 5 -6.30 -2.14 -1.09
N ASP A 6 -6.94 -3.27 -0.85
CA ASP A 6 -6.62 -4.48 -1.58
C ASP A 6 -7.13 -4.36 -3.02
N LYS A 7 -8.45 -4.26 -3.14
CA LYS A 7 -9.07 -4.14 -4.44
C LYS A 7 -8.27 -3.14 -5.29
N GLU A 8 -7.90 -2.03 -4.66
CA GLU A 8 -7.14 -1.00 -5.35
C GLU A 8 -5.69 -1.46 -5.55
N CYS A 9 -5.16 -2.12 -4.54
CA CYS A 9 -3.80 -2.62 -4.59
C CYS A 9 -3.71 -3.65 -5.72
N ASN A 10 -4.86 -4.21 -6.05
CA ASN A 10 -4.93 -5.22 -7.11
C ASN A 10 -4.63 -4.54 -8.46
N ARG A 11 -4.69 -3.22 -8.45
CA ARG A 11 -4.44 -2.46 -9.66
C ARG A 11 -2.99 -1.99 -9.69
N ARG A 12 -2.52 -1.54 -8.54
CA ARG A 12 -1.15 -1.05 -8.42
C ARG A 12 -0.17 -2.20 -8.64
N CYS A 13 -0.43 -3.31 -7.97
CA CYS A 13 0.41 -4.49 -8.08
C CYS A 13 -0.31 -5.52 -8.95
N SER A 14 -1.24 -5.03 -9.75
CA SER A 14 -2.01 -5.90 -10.62
C SER A 14 -1.07 -6.81 -11.41
N LYS A 15 0.09 -6.27 -11.76
CA LYS A 15 1.08 -7.00 -12.51
C LYS A 15 2.45 -6.85 -11.83
N ALA A 16 2.42 -6.79 -10.51
CA ALA A 16 3.64 -6.64 -9.74
C ALA A 16 4.23 -8.02 -9.45
N SER A 17 5.54 -8.13 -9.62
CA SER A 17 6.23 -9.38 -9.38
C SER A 17 5.67 -10.05 -8.12
N ALA A 18 5.33 -9.22 -7.15
CA ALA A 18 4.80 -9.70 -5.89
C ALA A 18 3.28 -9.48 -5.87
N HIS A 19 2.61 -10.10 -6.83
CA HIS A 19 1.17 -9.99 -6.93
C HIS A 19 0.52 -10.35 -5.59
N ASP A 20 1.22 -11.21 -4.85
CA ASP A 20 0.74 -11.65 -3.56
C ASP A 20 1.44 -10.84 -2.46
N ARG A 21 2.73 -11.08 -2.35
CA ARG A 21 3.53 -10.39 -1.34
C ARG A 21 3.12 -8.93 -1.25
N CYS A 22 2.63 -8.41 -2.37
CA CYS A 22 2.19 -7.02 -2.43
C CYS A 22 0.79 -6.93 -1.82
N LEU A 23 -0.18 -7.44 -2.58
CA LEU A 23 -1.56 -7.42 -2.13
C LEU A 23 -1.61 -7.83 -0.65
N LYS A 24 -1.18 -9.05 -0.39
CA LYS A 24 -1.17 -9.56 0.97
C LYS A 24 -0.72 -8.47 1.93
N TYR A 25 0.49 -7.99 1.70
CA TYR A 25 1.05 -6.94 2.53
C TYR A 25 0.11 -5.73 2.61
N CYS A 26 -0.59 -5.51 1.52
CA CYS A 26 -1.54 -4.39 1.45
C CYS A 26 -2.67 -4.68 2.42
N GLY A 27 -3.16 -5.91 2.38
CA GLY A 27 -4.25 -6.32 3.24
C GLY A 27 -3.98 -5.91 4.69
N ILE A 28 -2.70 -5.72 4.99
CA ILE A 28 -2.29 -5.32 6.33
C ILE A 28 -2.16 -3.80 6.40
N CYS A 29 -1.43 -3.27 5.41
CA CYS A 29 -1.22 -1.83 5.34
C CYS A 29 -2.57 -1.13 5.49
N CYS A 30 -3.62 -1.86 5.14
CA CYS A 30 -4.97 -1.33 5.22
C CYS A 30 -5.41 -1.38 6.69
N GLU A 31 -5.13 -2.51 7.32
CA GLU A 31 -5.48 -2.71 8.71
C GLU A 31 -4.96 -1.55 9.56
N LYS A 32 -3.72 -1.18 9.31
CA LYS A 32 -3.09 -0.10 10.05
C LYS A 32 -3.76 1.22 9.65
N CYS A 33 -3.84 1.44 8.35
CA CYS A 33 -4.45 2.65 7.83
C CYS A 33 -5.01 2.36 6.44
N ASN A 34 -6.32 2.43 6.33
CA ASN A 34 -6.98 2.17 5.07
C ASN A 34 -6.56 3.23 4.05
N CYS A 35 -5.38 3.02 3.49
CA CYS A 35 -4.84 3.95 2.51
C CYS A 35 -4.48 3.15 1.25
N VAL A 36 -4.42 3.87 0.13
CA VAL A 36 -4.09 3.25 -1.14
C VAL A 36 -3.97 4.34 -2.21
N PRO A 37 -2.69 4.74 -2.48
CA PRO A 37 -2.42 5.76 -3.47
C PRO A 37 -2.57 5.20 -4.89
N PRO A 38 -2.84 6.13 -5.85
CA PRO A 38 -3.01 5.74 -7.24
C PRO A 38 -1.66 5.39 -7.89
N GLY A 39 -1.72 4.51 -8.87
CA GLY A 39 -0.52 4.10 -9.58
C GLY A 39 0.67 3.98 -8.61
N THR A 40 1.75 4.65 -8.98
CA THR A 40 2.95 4.64 -8.16
C THR A 40 3.80 5.88 -8.41
N TYR A 41 3.88 6.72 -7.40
CA TYR A 41 4.66 7.95 -7.50
C TYR A 41 4.49 8.80 -6.23
N GLY A 42 4.92 10.05 -6.35
CA GLY A 42 4.83 10.97 -5.23
C GLY A 42 3.44 10.97 -4.62
N ASN A 43 2.47 10.50 -5.42
CA ASN A 43 1.10 10.44 -4.97
C ASN A 43 1.06 10.02 -3.50
N GLU A 44 2.05 9.21 -3.12
CA GLU A 44 2.13 8.73 -1.75
C GLU A 44 1.74 9.83 -0.77
N ASP A 45 2.32 11.01 -0.98
CA ASP A 45 2.03 12.15 -0.12
C ASP A 45 0.54 12.18 0.19
N SER A 46 -0.26 12.05 -0.85
CA SER A 46 -1.70 12.06 -0.70
C SER A 46 -2.11 11.24 0.53
N CYS A 47 -1.52 10.05 0.62
CA CYS A 47 -1.81 9.16 1.74
C CYS A 47 -0.50 8.91 2.50
N PRO A 48 -0.22 9.83 3.46
CA PRO A 48 0.98 9.71 4.27
C PRO A 48 0.84 8.61 5.31
N CYS A 49 -0.40 8.28 5.62
CA CYS A 49 -0.68 7.24 6.60
C CYS A 49 -0.10 5.92 6.08
N TYR A 50 0.08 5.87 4.76
CA TYR A 50 0.63 4.69 4.12
C TYR A 50 2.03 4.95 3.58
N ALA A 51 2.31 6.22 3.34
CA ALA A 51 3.60 6.61 2.81
C ALA A 51 4.65 6.47 3.91
N ASN A 52 4.36 7.05 5.07
CA ASN A 52 5.26 6.98 6.20
C ASN A 52 5.37 5.53 6.68
N LEU A 53 4.26 4.82 6.55
CA LEU A 53 4.22 3.43 6.98
C LEU A 53 5.48 2.71 6.48
N LYS A 54 6.42 2.54 7.40
CA LYS A 54 7.67 1.87 7.07
C LYS A 54 8.14 1.06 8.27
N ASN A 55 9.32 0.45 8.12
CA ASN A 55 9.88 -0.36 9.18
C ASN A 55 11.04 0.41 9.84
N SER A 56 11.73 -0.28 10.73
CA SER A 56 12.86 0.32 11.43
C SER A 56 14.13 0.19 10.59
N LYS A 57 14.02 -0.60 9.53
CA LYS A 57 15.15 -0.83 8.64
C LYS A 57 15.10 0.19 7.50
N GLY A 58 14.63 1.38 7.81
CA GLY A 58 14.52 2.43 6.83
C GLY A 58 14.09 1.88 5.47
N GLY A 59 13.07 1.04 5.51
CA GLY A 59 12.54 0.42 4.29
C GLY A 59 11.01 0.37 4.31
N HIS A 60 10.42 0.84 3.23
CA HIS A 60 8.97 0.84 3.11
C HIS A 60 8.44 -0.59 3.27
N LYS A 61 8.19 -0.94 4.52
CA LYS A 61 7.67 -2.27 4.82
C LYS A 61 6.43 -2.54 3.98
N CYS A 62 5.77 -1.45 3.59
CA CYS A 62 4.57 -1.56 2.79
C CYS A 62 4.96 -1.38 1.31
N PRO A 63 4.16 -2.04 0.43
CA PRO A 63 4.42 -1.96 -1.00
C PRO A 63 3.99 -0.60 -1.57
N ALA A 1 -16.18 5.45 5.53
CA ALA A 1 -16.29 4.05 5.17
C ALA A 1 -14.90 3.51 4.83
N HIS A 2 -14.61 2.33 5.38
CA HIS A 2 -13.32 1.70 5.14
C HIS A 2 -13.07 1.57 3.63
N ILE A 3 -11.98 2.19 3.19
CA ILE A 3 -11.63 2.15 1.78
C ILE A 3 -11.17 0.74 1.41
N ASP A 4 -11.09 0.49 0.11
CA ASP A 4 -10.67 -0.81 -0.38
C ASP A 4 -9.19 -0.74 -0.77
N CYS A 5 -8.37 -1.37 0.05
CA CYS A 5 -6.93 -1.39 -0.19
C CYS A 5 -6.62 -2.58 -1.10
N ASP A 6 -7.51 -3.57 -1.05
CA ASP A 6 -7.34 -4.76 -1.87
C ASP A 6 -7.81 -4.48 -3.29
N LYS A 7 -9.01 -3.92 -3.39
CA LYS A 7 -9.59 -3.60 -4.68
C LYS A 7 -8.77 -2.49 -5.33
N GLU A 8 -8.08 -1.73 -4.50
CA GLU A 8 -7.25 -0.63 -4.97
C GLU A 8 -5.86 -1.14 -5.34
N CYS A 9 -5.26 -1.86 -4.40
CA CYS A 9 -3.92 -2.41 -4.61
C CYS A 9 -3.99 -3.38 -5.79
N ASN A 10 -5.19 -3.90 -6.03
CA ASN A 10 -5.40 -4.84 -7.11
C ASN A 10 -4.84 -4.24 -8.41
N ARG A 11 -4.77 -2.92 -8.43
CA ARG A 11 -4.26 -2.21 -9.60
C ARG A 11 -2.75 -1.99 -9.46
N ARG A 12 -2.37 -1.45 -8.32
CA ARG A 12 -0.97 -1.17 -8.06
C ARG A 12 -0.10 -2.34 -8.53
N CYS A 13 -0.50 -3.53 -8.10
CA CYS A 13 0.23 -4.74 -8.46
C CYS A 13 -0.72 -5.66 -9.24
N SER A 14 -1.46 -5.06 -10.15
CA SER A 14 -2.40 -5.81 -10.96
C SER A 14 -1.65 -6.80 -11.86
N LYS A 15 -0.41 -6.45 -12.16
CA LYS A 15 0.42 -7.30 -13.00
C LYS A 15 1.80 -7.45 -12.36
N ALA A 16 1.81 -7.45 -11.03
CA ALA A 16 3.05 -7.59 -10.30
C ALA A 16 3.40 -9.07 -10.14
N SER A 17 4.65 -9.39 -10.40
CA SER A 17 5.12 -10.76 -10.29
C SER A 17 4.69 -11.36 -8.95
N ALA A 18 4.54 -10.47 -7.97
CA ALA A 18 4.13 -10.89 -6.63
C ALA A 18 2.76 -10.31 -6.32
N HIS A 19 1.79 -10.68 -7.14
CA HIS A 19 0.43 -10.20 -6.97
C HIS A 19 -0.04 -10.52 -5.55
N ASP A 20 0.64 -11.48 -4.94
CA ASP A 20 0.30 -11.89 -3.58
C ASP A 20 1.16 -11.12 -2.58
N ARG A 21 2.45 -11.39 -2.62
CA ARG A 21 3.39 -10.73 -1.74
C ARG A 21 3.15 -9.21 -1.74
N CYS A 22 2.55 -8.75 -2.84
CA CYS A 22 2.27 -7.33 -2.99
C CYS A 22 0.94 -7.04 -2.28
N LEU A 23 -0.13 -7.54 -2.90
CA LEU A 23 -1.47 -7.33 -2.35
C LEU A 23 -1.45 -7.68 -0.86
N LYS A 24 -1.15 -8.93 -0.58
CA LYS A 24 -1.10 -9.40 0.79
C LYS A 24 -0.46 -8.33 1.68
N TYR A 25 0.79 -8.03 1.36
CA TYR A 25 1.53 -7.03 2.11
C TYR A 25 0.72 -5.74 2.26
N CYS A 26 -0.05 -5.44 1.21
CA CYS A 26 -0.87 -4.24 1.22
C CYS A 26 -2.06 -4.49 2.14
N GLY A 27 -2.46 -5.75 2.22
CA GLY A 27 -3.58 -6.13 3.07
C GLY A 27 -3.36 -5.67 4.51
N ILE A 28 -2.17 -5.99 5.02
CA ILE A 28 -1.81 -5.63 6.38
C ILE A 28 -1.54 -4.13 6.45
N CYS A 29 -0.76 -3.66 5.47
CA CYS A 29 -0.42 -2.25 5.41
C CYS A 29 -1.71 -1.43 5.46
N CYS A 30 -2.80 -2.08 5.09
CA CYS A 30 -4.10 -1.43 5.08
C CYS A 30 -4.56 -1.27 6.54
N GLU A 31 -4.26 -2.29 7.33
CA GLU A 31 -4.63 -2.28 8.73
C GLU A 31 -3.98 -1.10 9.45
N LYS A 32 -2.74 -0.83 9.06
CA LYS A 32 -1.99 0.27 9.66
C LYS A 32 -2.71 1.59 9.36
N CYS A 33 -3.02 1.78 8.08
CA CYS A 33 -3.69 2.99 7.64
C CYS A 33 -4.49 2.66 6.38
N ASN A 34 -5.81 2.75 6.51
CA ASN A 34 -6.69 2.47 5.39
C ASN A 34 -6.44 3.49 4.28
N CYS A 35 -5.38 3.24 3.53
CA CYS A 35 -5.01 4.13 2.43
C CYS A 35 -4.51 3.27 1.27
N VAL A 36 -4.42 3.90 0.11
CA VAL A 36 -3.96 3.22 -1.08
C VAL A 36 -3.83 4.23 -2.23
N PRO A 37 -2.57 4.70 -2.44
CA PRO A 37 -2.31 5.65 -3.51
C PRO A 37 -2.31 4.98 -4.87
N PRO A 38 -2.44 5.82 -5.93
CA PRO A 38 -2.46 5.32 -7.29
C PRO A 38 -1.06 4.89 -7.75
N GLY A 39 -1.04 3.94 -8.67
CA GLY A 39 0.21 3.43 -9.20
C GLY A 39 1.28 3.35 -8.09
N THR A 40 2.41 3.96 -8.37
CA THR A 40 3.51 3.97 -7.42
C THR A 40 4.43 5.18 -7.68
N TYR A 41 4.43 6.10 -6.73
CA TYR A 41 5.25 7.29 -6.83
C TYR A 41 4.99 8.24 -5.66
N GLY A 42 5.47 9.47 -5.82
CA GLY A 42 5.30 10.48 -4.80
C GLY A 42 3.83 10.57 -4.36
N ASN A 43 2.96 10.07 -5.22
CA ASN A 43 1.53 10.08 -4.94
C ASN A 43 1.31 9.79 -3.46
N GLU A 44 2.21 8.99 -2.90
CA GLU A 44 2.11 8.62 -1.50
C GLU A 44 1.65 9.82 -0.67
N ASP A 45 2.30 10.95 -0.90
CA ASP A 45 1.96 12.17 -0.18
C ASP A 45 0.44 12.27 -0.04
N SER A 46 -0.24 12.08 -1.17
CA SER A 46 -1.69 12.14 -1.19
C SER A 46 -2.26 11.36 -0.01
N CYS A 47 -1.73 10.17 0.18
CA CYS A 47 -2.19 9.31 1.26
C CYS A 47 -1.01 9.08 2.22
N PRO A 48 -0.87 10.03 3.18
CA PRO A 48 0.21 9.96 4.17
C PRO A 48 -0.10 8.89 5.22
N CYS A 49 -1.38 8.56 5.34
CA CYS A 49 -1.81 7.56 6.30
C CYS A 49 -1.00 6.28 6.05
N TYR A 50 -0.83 5.96 4.78
CA TYR A 50 -0.09 4.78 4.39
C TYR A 50 1.37 5.11 4.08
N ALA A 51 1.58 6.36 3.69
CA ALA A 51 2.91 6.83 3.35
C ALA A 51 3.82 6.69 4.58
N ASN A 52 3.40 7.34 5.66
CA ASN A 52 4.15 7.29 6.90
C ASN A 52 4.39 5.84 7.30
N LEU A 53 3.56 4.96 6.75
CA LEU A 53 3.67 3.55 7.04
C LEU A 53 5.06 3.05 6.62
N LYS A 54 5.92 2.90 7.62
CA LYS A 54 7.28 2.44 7.37
C LYS A 54 7.79 1.69 8.60
N ASN A 55 9.04 1.25 8.51
CA ASN A 55 9.66 0.53 9.60
C ASN A 55 10.57 1.47 10.38
N SER A 56 11.28 0.91 11.35
CA SER A 56 12.19 1.69 12.17
C SER A 56 13.54 1.84 11.46
N LYS A 57 13.83 0.88 10.60
CA LYS A 57 15.07 0.89 9.85
C LYS A 57 15.12 2.15 8.97
N GLY A 58 13.95 2.74 8.78
CA GLY A 58 13.85 3.94 7.98
C GLY A 58 13.69 3.59 6.50
N GLY A 59 12.98 2.49 6.26
CA GLY A 59 12.74 2.04 4.90
C GLY A 59 11.27 1.67 4.70
N HIS A 60 10.87 1.62 3.43
CA HIS A 60 9.50 1.28 3.09
C HIS A 60 9.26 -0.21 3.34
N LYS A 61 8.70 -0.48 4.52
CA LYS A 61 8.40 -1.86 4.89
C LYS A 61 7.27 -2.40 4.01
N CYS A 62 6.51 -1.47 3.46
CA CYS A 62 5.40 -1.83 2.59
C CYS A 62 5.88 -1.81 1.14
N PRO A 63 5.16 -2.58 0.28
CA PRO A 63 5.50 -2.65 -1.12
C PRO A 63 5.08 -1.38 -1.86
N ALA A 1 -15.34 5.03 6.63
CA ALA A 1 -15.36 3.58 6.45
C ALA A 1 -14.07 3.14 5.74
N HIS A 2 -13.68 1.91 6.00
CA HIS A 2 -12.47 1.35 5.40
C HIS A 2 -12.61 1.37 3.88
N ILE A 3 -11.46 1.49 3.22
CA ILE A 3 -11.44 1.52 1.77
C ILE A 3 -10.95 0.17 1.25
N ASP A 4 -11.26 -0.09 -0.01
CA ASP A 4 -10.86 -1.34 -0.65
C ASP A 4 -9.41 -1.22 -1.10
N CYS A 5 -8.51 -1.60 -0.20
CA CYS A 5 -7.08 -1.53 -0.49
C CYS A 5 -6.73 -2.73 -1.37
N ASP A 6 -7.59 -3.75 -1.31
CA ASP A 6 -7.37 -4.96 -2.10
C ASP A 6 -7.91 -4.73 -3.52
N LYS A 7 -9.10 -4.17 -3.57
CA LYS A 7 -9.74 -3.90 -4.86
C LYS A 7 -8.97 -2.78 -5.56
N GLU A 8 -8.23 -2.02 -4.77
CA GLU A 8 -7.46 -0.91 -5.32
C GLU A 8 -6.04 -1.39 -5.67
N CYS A 9 -5.42 -2.06 -4.72
CA CYS A 9 -4.08 -2.57 -4.91
C CYS A 9 -4.11 -3.62 -6.02
N ASN A 10 -5.30 -4.17 -6.22
CA ASN A 10 -5.49 -5.19 -7.25
C ASN A 10 -5.26 -4.57 -8.62
N ARG A 11 -5.23 -3.25 -8.65
CA ARG A 11 -5.02 -2.52 -9.89
C ARG A 11 -3.55 -2.12 -10.03
N ARG A 12 -2.99 -1.63 -8.94
CA ARG A 12 -1.61 -1.21 -8.91
C ARG A 12 -0.69 -2.41 -9.13
N CYS A 13 -0.97 -3.47 -8.40
CA CYS A 13 -0.18 -4.69 -8.50
C CYS A 13 -1.00 -5.73 -9.27
N SER A 14 -1.95 -5.24 -10.04
CA SER A 14 -2.81 -6.11 -10.82
C SER A 14 -1.96 -7.12 -11.61
N LYS A 15 -0.79 -6.65 -12.03
CA LYS A 15 0.12 -7.50 -12.79
C LYS A 15 1.54 -7.34 -12.22
N ALA A 16 1.60 -7.15 -10.92
CA ALA A 16 2.88 -6.98 -10.25
C ALA A 16 3.48 -8.35 -9.96
N SER A 17 4.76 -8.49 -10.28
CA SER A 17 5.47 -9.74 -10.06
C SER A 17 5.04 -10.35 -8.73
N ALA A 18 4.84 -9.48 -7.75
CA ALA A 18 4.44 -9.92 -6.43
C ALA A 18 2.95 -9.59 -6.22
N HIS A 19 2.13 -10.14 -7.10
CA HIS A 19 0.70 -9.92 -7.02
C HIS A 19 0.19 -10.31 -5.64
N ASP A 20 0.99 -11.12 -4.95
CA ASP A 20 0.63 -11.56 -3.62
C ASP A 20 1.38 -10.72 -2.58
N ARG A 21 2.67 -10.99 -2.47
CA ARG A 21 3.50 -10.26 -1.53
C ARG A 21 3.13 -8.78 -1.53
N CYS A 22 2.65 -8.32 -2.68
CA CYS A 22 2.27 -6.93 -2.81
C CYS A 22 0.92 -6.73 -2.10
N LEU A 23 -0.12 -7.26 -2.72
CA LEU A 23 -1.46 -7.15 -2.17
C LEU A 23 -1.40 -7.42 -0.66
N LYS A 24 -0.94 -8.62 -0.32
CA LYS A 24 -0.82 -9.02 1.07
C LYS A 24 -0.29 -7.84 1.89
N TYR A 25 0.92 -7.43 1.56
CA TYR A 25 1.55 -6.32 2.25
C TYR A 25 0.64 -5.09 2.27
N CYS A 26 -0.16 -4.98 1.21
CA CYS A 26 -1.08 -3.86 1.10
C CYS A 26 -2.26 -4.10 2.03
N GLY A 27 -2.53 -5.38 2.26
CA GLY A 27 -3.63 -5.77 3.14
C GLY A 27 -3.31 -5.41 4.60
N ILE A 28 -2.03 -5.44 4.92
CA ILE A 28 -1.59 -5.13 6.27
C ILE A 28 -1.53 -3.61 6.44
N CYS A 29 -0.79 -2.97 5.56
CA CYS A 29 -0.64 -1.52 5.61
C CYS A 29 -2.04 -0.90 5.63
N CYS A 30 -3.00 -1.67 5.15
CA CYS A 30 -4.39 -1.21 5.11
C CYS A 30 -4.95 -1.26 6.54
N GLU A 31 -4.58 -2.33 7.25
CA GLU A 31 -5.03 -2.51 8.61
C GLU A 31 -4.62 -1.33 9.48
N LYS A 32 -3.37 -0.91 9.29
CA LYS A 32 -2.83 0.21 10.05
C LYS A 32 -3.55 1.50 9.63
N CYS A 33 -3.62 1.70 8.32
CA CYS A 33 -4.28 2.88 7.79
C CYS A 33 -4.80 2.53 6.39
N ASN A 34 -6.12 2.54 6.26
CA ASN A 34 -6.76 2.23 5.00
C ASN A 34 -6.38 3.31 3.97
N CYS A 35 -5.18 3.16 3.42
CA CYS A 35 -4.69 4.11 2.43
C CYS A 35 -4.30 3.32 1.18
N VAL A 36 -4.49 3.96 0.03
CA VAL A 36 -4.15 3.34 -1.23
C VAL A 36 -4.08 4.42 -2.32
N PRO A 37 -2.83 4.86 -2.61
CA PRO A 37 -2.60 5.88 -3.62
C PRO A 37 -2.76 5.30 -5.03
N PRO A 38 -2.95 6.23 -6.01
CA PRO A 38 -3.12 5.82 -7.40
C PRO A 38 -1.79 5.39 -8.00
N GLY A 39 -1.87 4.49 -8.97
CA GLY A 39 -0.68 4.00 -9.64
C GLY A 39 0.48 3.85 -8.67
N THR A 40 1.60 4.46 -9.03
CA THR A 40 2.78 4.41 -8.21
C THR A 40 3.70 5.60 -8.49
N TYR A 41 3.81 6.47 -7.50
CA TYR A 41 4.64 7.66 -7.64
C TYR A 41 4.52 8.56 -6.41
N GLY A 42 5.01 9.78 -6.56
CA GLY A 42 4.95 10.75 -5.47
C GLY A 42 3.56 10.80 -4.85
N ASN A 43 2.58 10.36 -5.63
CA ASN A 43 1.20 10.35 -5.18
C ASN A 43 1.16 9.96 -3.70
N GLU A 44 2.11 9.13 -3.32
CA GLU A 44 2.20 8.66 -1.93
C GLU A 44 1.85 9.80 -0.97
N ASP A 45 2.47 10.95 -1.20
CA ASP A 45 2.23 12.11 -0.37
C ASP A 45 0.74 12.21 -0.04
N SER A 46 -0.07 12.09 -1.08
CA SER A 46 -1.51 12.15 -0.92
C SER A 46 -1.93 11.35 0.32
N CYS A 47 -1.39 10.15 0.43
CA CYS A 47 -1.70 9.30 1.56
C CYS A 47 -0.41 9.05 2.34
N PRO A 48 -0.13 9.98 3.28
CA PRO A 48 1.06 9.88 4.12
C PRO A 48 0.89 8.81 5.18
N CYS A 49 -0.35 8.49 5.48
CA CYS A 49 -0.66 7.49 6.47
C CYS A 49 -0.10 6.15 6.00
N TYR A 50 0.12 6.06 4.69
CA TYR A 50 0.66 4.85 4.11
C TYR A 50 2.08 5.08 3.59
N ALA A 51 2.38 6.34 3.32
CA ALA A 51 3.70 6.71 2.83
C ALA A 51 4.72 6.57 3.97
N ASN A 52 4.44 7.28 5.06
CA ASN A 52 5.31 7.24 6.21
C ASN A 52 5.35 5.83 6.79
N LEU A 53 4.23 5.13 6.63
CA LEU A 53 4.12 3.78 7.13
C LEU A 53 5.41 3.02 6.84
N LYS A 54 6.21 2.83 7.87
CA LYS A 54 7.46 2.13 7.75
C LYS A 54 7.75 1.36 9.03
N ASN A 55 8.92 0.72 9.05
CA ASN A 55 9.32 -0.06 10.22
C ASN A 55 10.50 0.62 10.88
N SER A 56 11.06 -0.05 11.89
CA SER A 56 12.20 0.48 12.61
C SER A 56 13.50 0.12 11.90
N LYS A 57 13.36 -0.74 10.90
CA LYS A 57 14.51 -1.19 10.14
C LYS A 57 14.68 -0.29 8.91
N GLY A 58 14.29 0.97 9.07
CA GLY A 58 14.38 1.93 8.00
C GLY A 58 14.05 1.28 6.65
N GLY A 59 12.99 0.47 6.67
CA GLY A 59 12.56 -0.22 5.47
C GLY A 59 11.07 0.03 5.20
N HIS A 60 10.79 0.37 3.95
CA HIS A 60 9.41 0.64 3.55
C HIS A 60 8.56 -0.61 3.77
N LYS A 61 8.10 -0.76 5.00
CA LYS A 61 7.27 -1.89 5.35
C LYS A 61 6.00 -1.89 4.50
N CYS A 62 5.74 -0.74 3.90
CA CYS A 62 4.57 -0.59 3.05
C CYS A 62 4.95 -1.01 1.62
N PRO A 63 3.93 -1.53 0.89
CA PRO A 63 4.15 -1.98 -0.48
C PRO A 63 4.28 -0.78 -1.43
N ALA A 1 -14.99 4.65 7.62
CA ALA A 1 -15.21 3.55 6.69
C ALA A 1 -13.88 3.13 6.06
N HIS A 2 -13.72 1.82 5.95
CA HIS A 2 -12.50 1.27 5.37
C HIS A 2 -12.61 1.29 3.84
N ILE A 3 -11.45 1.42 3.20
CA ILE A 3 -11.40 1.45 1.75
C ILE A 3 -10.90 0.09 1.23
N ASP A 4 -11.20 -0.17 -0.02
CA ASP A 4 -10.78 -1.42 -0.64
C ASP A 4 -9.30 -1.30 -1.06
N CYS A 5 -8.43 -1.67 -0.13
CA CYS A 5 -7.00 -1.61 -0.39
C CYS A 5 -6.62 -2.80 -1.28
N ASP A 6 -7.46 -3.83 -1.20
CA ASP A 6 -7.22 -5.04 -1.99
C ASP A 6 -7.74 -4.81 -3.42
N LYS A 7 -8.95 -4.30 -3.50
CA LYS A 7 -9.58 -4.04 -4.79
C LYS A 7 -8.79 -2.93 -5.50
N GLU A 8 -8.10 -2.13 -4.71
CA GLU A 8 -7.32 -1.04 -5.25
C GLU A 8 -5.91 -1.51 -5.59
N CYS A 9 -5.29 -2.17 -4.62
CA CYS A 9 -3.95 -2.68 -4.80
C CYS A 9 -3.98 -3.74 -5.91
N ASN A 10 -5.16 -4.28 -6.12
CA ASN A 10 -5.34 -5.30 -7.14
C ASN A 10 -5.10 -4.69 -8.53
N ARG A 11 -5.06 -3.37 -8.55
CA ARG A 11 -4.84 -2.64 -9.79
C ARG A 11 -3.37 -2.25 -9.91
N ARG A 12 -2.83 -1.74 -8.82
CA ARG A 12 -1.44 -1.32 -8.80
C ARG A 12 -0.51 -2.53 -8.99
N CYS A 13 -0.82 -3.59 -8.27
CA CYS A 13 -0.03 -4.81 -8.34
C CYS A 13 -0.85 -5.86 -9.11
N SER A 14 -1.78 -5.36 -9.91
CA SER A 14 -2.63 -6.24 -10.70
C SER A 14 -1.77 -7.24 -11.47
N LYS A 15 -0.60 -6.78 -11.90
CA LYS A 15 0.31 -7.62 -12.64
C LYS A 15 1.71 -7.48 -12.05
N ALA A 16 1.76 -7.33 -10.73
CA ALA A 16 3.02 -7.18 -10.03
C ALA A 16 3.58 -8.57 -9.72
N SER A 17 4.86 -8.74 -10.05
CA SER A 17 5.52 -10.01 -9.81
C SER A 17 5.09 -10.60 -8.47
N ALA A 18 4.94 -9.71 -7.49
CA ALA A 18 4.53 -10.12 -6.16
C ALA A 18 3.08 -9.70 -5.93
N HIS A 19 2.21 -10.24 -6.77
CA HIS A 19 0.79 -9.93 -6.67
C HIS A 19 0.27 -10.36 -5.30
N ASP A 20 1.05 -11.19 -4.63
CA ASP A 20 0.68 -11.68 -3.32
C ASP A 20 1.42 -10.87 -2.25
N ARG A 21 2.73 -11.02 -2.24
CA ARG A 21 3.55 -10.30 -1.27
C ARG A 21 3.22 -8.81 -1.30
N CYS A 22 2.64 -8.39 -2.41
CA CYS A 22 2.27 -6.98 -2.57
C CYS A 22 0.91 -6.77 -1.91
N LEU A 23 -0.12 -7.35 -2.51
CA LEU A 23 -1.46 -7.23 -1.99
C LEU A 23 -1.45 -7.53 -0.49
N LYS A 24 -1.03 -8.74 -0.16
CA LYS A 24 -0.97 -9.17 1.22
C LYS A 24 -0.45 -8.01 2.08
N TYR A 25 0.79 -7.61 1.80
CA TYR A 25 1.41 -6.53 2.54
C TYR A 25 0.53 -5.28 2.52
N CYS A 26 -0.21 -5.12 1.42
CA CYS A 26 -1.09 -3.98 1.27
C CYS A 26 -2.30 -4.19 2.18
N GLY A 27 -2.61 -5.45 2.41
CA GLY A 27 -3.75 -5.80 3.26
C GLY A 27 -3.46 -5.46 4.72
N ILE A 28 -2.20 -5.56 5.09
CA ILE A 28 -1.78 -5.26 6.45
C ILE A 28 -1.69 -3.75 6.63
N CYS A 29 -0.88 -3.13 5.78
CA CYS A 29 -0.70 -1.69 5.84
C CYS A 29 -2.07 -1.02 5.85
N CYS A 30 -3.05 -1.75 5.32
CA CYS A 30 -4.41 -1.25 5.26
C CYS A 30 -4.99 -1.28 6.67
N GLU A 31 -4.69 -2.35 7.39
CA GLU A 31 -5.18 -2.50 8.74
C GLU A 31 -4.74 -1.31 9.60
N LYS A 32 -3.50 -0.91 9.40
CA LYS A 32 -2.95 0.22 10.15
C LYS A 32 -3.65 1.50 9.71
N CYS A 33 -3.70 1.70 8.40
CA CYS A 33 -4.33 2.89 7.84
C CYS A 33 -4.84 2.53 6.44
N ASN A 34 -6.15 2.55 6.30
CA ASN A 34 -6.78 2.25 5.02
C ASN A 34 -6.38 3.30 4.00
N CYS A 35 -5.18 3.15 3.46
CA CYS A 35 -4.67 4.08 2.48
C CYS A 35 -4.26 3.29 1.23
N VAL A 36 -4.43 3.91 0.08
CA VAL A 36 -4.09 3.28 -1.18
C VAL A 36 -4.00 4.34 -2.28
N PRO A 37 -2.74 4.79 -2.55
CA PRO A 37 -2.51 5.79 -3.57
C PRO A 37 -2.65 5.20 -4.97
N PRO A 38 -2.83 6.11 -5.96
CA PRO A 38 -2.98 5.69 -7.35
C PRO A 38 -1.63 5.26 -7.94
N GLY A 39 -1.70 4.35 -8.89
CA GLY A 39 -0.51 3.85 -9.55
C GLY A 39 0.65 3.72 -8.55
N THR A 40 1.76 4.32 -8.91
CA THR A 40 2.95 4.28 -8.05
C THR A 40 3.85 5.47 -8.35
N TYR A 41 3.96 6.35 -7.37
CA TYR A 41 4.79 7.54 -7.51
C TYR A 41 4.65 8.45 -6.29
N GLY A 42 5.14 9.68 -6.45
CA GLY A 42 5.07 10.65 -5.38
C GLY A 42 3.66 10.71 -4.78
N ASN A 43 2.70 10.26 -5.56
CA ASN A 43 1.31 10.26 -5.12
C ASN A 43 1.25 9.88 -3.64
N GLU A 44 2.21 9.05 -3.23
CA GLU A 44 2.28 8.60 -1.85
C GLU A 44 1.91 9.75 -0.90
N ASP A 45 2.53 10.90 -1.14
CA ASP A 45 2.28 12.06 -0.33
C ASP A 45 0.79 12.15 -0.01
N SER A 46 -0.01 12.02 -1.06
CA SER A 46 -1.45 12.08 -0.92
C SER A 46 -1.89 11.30 0.33
N CYS A 47 -1.34 10.10 0.45
CA CYS A 47 -1.66 9.25 1.58
C CYS A 47 -0.39 9.01 2.38
N PRO A 48 -0.11 9.95 3.32
CA PRO A 48 1.08 9.85 4.15
C PRO A 48 0.90 8.78 5.24
N CYS A 49 -0.36 8.47 5.52
CA CYS A 49 -0.67 7.48 6.52
C CYS A 49 -0.10 6.14 6.06
N TYR A 50 0.12 6.03 4.76
CA TYR A 50 0.67 4.82 4.18
C TYR A 50 2.09 5.05 3.68
N ALA A 51 2.33 6.27 3.21
CA ALA A 51 3.65 6.62 2.69
C ALA A 51 4.68 6.54 3.82
N ASN A 52 4.38 7.25 4.90
CA ASN A 52 5.27 7.27 6.05
C ASN A 52 5.33 5.87 6.66
N LEU A 53 4.20 5.19 6.64
CA LEU A 53 4.10 3.85 7.18
C LEU A 53 5.34 3.05 6.77
N LYS A 54 6.27 2.93 7.72
CA LYS A 54 7.50 2.20 7.46
C LYS A 54 7.91 1.45 8.73
N ASN A 55 8.87 0.55 8.57
CA ASN A 55 9.36 -0.23 9.69
C ASN A 55 10.44 0.56 10.43
N SER A 56 11.07 -0.09 11.39
CA SER A 56 12.11 0.55 12.17
C SER A 56 13.41 0.61 11.36
N LYS A 57 13.69 -0.48 10.67
CA LYS A 57 14.88 -0.57 9.85
C LYS A 57 14.99 0.71 9.00
N GLY A 58 13.85 1.30 8.74
CA GLY A 58 13.80 2.52 7.93
C GLY A 58 13.49 2.20 6.47
N GLY A 59 12.79 1.08 6.28
CA GLY A 59 12.41 0.66 4.95
C GLY A 59 10.90 0.70 4.76
N HIS A 60 10.50 0.88 3.50
CA HIS A 60 9.08 0.93 3.18
C HIS A 60 8.45 -0.45 3.35
N LYS A 61 7.99 -0.71 4.56
CA LYS A 61 7.37 -1.98 4.87
C LYS A 61 6.14 -2.18 3.98
N CYS A 62 5.60 -1.06 3.53
CA CYS A 62 4.42 -1.09 2.66
C CYS A 62 4.90 -1.19 1.21
N PRO A 63 4.05 -1.83 0.38
CA PRO A 63 4.37 -1.99 -1.03
C PRO A 63 4.18 -0.68 -1.80
N ALA A 1 -15.31 3.93 8.48
CA ALA A 1 -15.28 3.77 7.03
C ALA A 1 -13.95 3.14 6.62
N HIS A 2 -14.00 2.34 5.57
CA HIS A 2 -12.81 1.68 5.06
C HIS A 2 -12.85 1.65 3.54
N ILE A 3 -11.67 1.76 2.95
CA ILE A 3 -11.54 1.75 1.50
C ILE A 3 -11.02 0.39 1.04
N ASP A 4 -11.26 0.10 -0.23
CA ASP A 4 -10.82 -1.16 -0.80
C ASP A 4 -9.34 -1.07 -1.18
N CYS A 5 -8.49 -1.45 -0.24
CA CYS A 5 -7.06 -1.40 -0.46
C CYS A 5 -6.67 -2.62 -1.31
N ASP A 6 -7.50 -3.64 -1.23
CA ASP A 6 -7.26 -4.86 -1.98
C ASP A 6 -7.75 -4.68 -3.42
N LYS A 7 -8.98 -4.21 -3.53
CA LYS A 7 -9.58 -3.99 -4.83
C LYS A 7 -8.80 -2.89 -5.57
N GLU A 8 -8.13 -2.05 -4.78
CA GLU A 8 -7.35 -0.96 -5.33
C GLU A 8 -5.93 -1.43 -5.65
N CYS A 9 -5.32 -2.07 -4.66
CA CYS A 9 -3.96 -2.57 -4.81
C CYS A 9 -3.97 -3.62 -5.93
N ASN A 10 -5.15 -4.16 -6.18
CA ASN A 10 -5.30 -5.17 -7.21
C ASN A 10 -5.00 -4.55 -8.58
N ARG A 11 -4.93 -3.23 -8.59
CA ARG A 11 -4.65 -2.51 -9.81
C ARG A 11 -3.17 -2.13 -9.88
N ARG A 12 -2.68 -1.60 -8.77
CA ARG A 12 -1.28 -1.20 -8.68
C ARG A 12 -0.37 -2.41 -8.86
N CYS A 13 -0.70 -3.47 -8.14
CA CYS A 13 0.08 -4.70 -8.21
C CYS A 13 -0.72 -5.74 -8.98
N SER A 14 -1.62 -5.24 -9.83
CA SER A 14 -2.46 -6.12 -10.63
C SER A 14 -1.59 -7.17 -11.35
N LYS A 15 -0.41 -6.72 -11.75
CA LYS A 15 0.52 -7.60 -12.45
C LYS A 15 1.92 -7.45 -11.84
N ALA A 16 1.92 -7.24 -10.53
CA ALA A 16 3.18 -7.08 -9.81
C ALA A 16 3.75 -8.46 -9.47
N SER A 17 5.04 -8.62 -9.75
CA SER A 17 5.71 -9.87 -9.49
C SER A 17 5.22 -10.47 -8.16
N ALA A 18 5.02 -9.58 -7.20
CA ALA A 18 4.55 -10.00 -5.88
C ALA A 18 3.08 -9.59 -5.72
N HIS A 19 2.26 -10.11 -6.62
CA HIS A 19 0.84 -9.83 -6.58
C HIS A 19 0.25 -10.25 -5.23
N ASP A 20 1.00 -11.11 -4.54
CA ASP A 20 0.58 -11.60 -3.24
C ASP A 20 1.29 -10.81 -2.15
N ARG A 21 2.61 -10.94 -2.13
CA ARG A 21 3.42 -10.25 -1.14
C ARG A 21 3.10 -8.75 -1.15
N CYS A 22 2.52 -8.31 -2.26
CA CYS A 22 2.17 -6.91 -2.41
C CYS A 22 0.80 -6.69 -1.77
N LEU A 23 -0.22 -7.27 -2.40
CA LEU A 23 -1.58 -7.15 -1.91
C LEU A 23 -1.60 -7.45 -0.41
N LYS A 24 -1.17 -8.66 -0.08
CA LYS A 24 -1.13 -9.08 1.31
C LYS A 24 -0.65 -7.93 2.19
N TYR A 25 0.58 -7.52 1.95
CA TYR A 25 1.17 -6.43 2.69
C TYR A 25 0.28 -5.18 2.64
N CYS A 26 -0.42 -5.04 1.54
CA CYS A 26 -1.31 -3.90 1.34
C CYS A 26 -2.55 -4.13 2.21
N GLY A 27 -2.85 -5.39 2.45
CA GLY A 27 -4.00 -5.75 3.25
C GLY A 27 -3.74 -5.47 4.74
N ILE A 28 -2.47 -5.35 5.07
CA ILE A 28 -2.07 -5.08 6.44
C ILE A 28 -2.04 -3.56 6.67
N CYS A 29 -1.20 -2.90 5.90
CA CYS A 29 -1.06 -1.46 6.00
C CYS A 29 -2.46 -0.84 5.97
N CYS A 30 -3.38 -1.57 5.37
CA CYS A 30 -4.75 -1.10 5.27
C CYS A 30 -5.38 -1.12 6.67
N GLU A 31 -5.11 -2.21 7.39
CA GLU A 31 -5.62 -2.37 8.72
C GLU A 31 -5.21 -1.19 9.61
N LYS A 32 -3.96 -0.78 9.44
CA LYS A 32 -3.43 0.34 10.20
C LYS A 32 -4.10 1.63 9.74
N CYS A 33 -4.07 1.84 8.43
CA CYS A 33 -4.67 3.04 7.85
C CYS A 33 -5.12 2.70 6.42
N ASN A 34 -6.44 2.74 6.24
CA ASN A 34 -7.02 2.44 4.94
C ASN A 34 -6.58 3.51 3.94
N CYS A 35 -5.36 3.35 3.45
CA CYS A 35 -4.82 4.29 2.48
C CYS A 35 -4.32 3.50 1.28
N VAL A 36 -4.66 4.00 0.09
CA VAL A 36 -4.25 3.35 -1.14
C VAL A 36 -4.12 4.41 -2.24
N PRO A 37 -2.85 4.85 -2.47
CA PRO A 37 -2.58 5.85 -3.48
C PRO A 37 -2.65 5.24 -4.89
N PRO A 38 -2.80 6.14 -5.90
CA PRO A 38 -2.88 5.70 -7.28
C PRO A 38 -1.51 5.27 -7.81
N GLY A 39 -1.53 4.34 -8.74
CA GLY A 39 -0.31 3.83 -9.33
C GLY A 39 0.81 3.75 -8.28
N THR A 40 1.94 4.36 -8.62
CA THR A 40 3.09 4.35 -7.73
C THR A 40 3.99 5.56 -8.02
N TYR A 41 4.03 6.47 -7.06
CA TYR A 41 4.86 7.65 -7.19
C TYR A 41 4.66 8.60 -6.01
N GLY A 42 5.14 9.83 -6.19
CA GLY A 42 5.02 10.83 -5.14
C GLY A 42 3.59 10.88 -4.59
N ASN A 43 2.66 10.39 -5.39
CA ASN A 43 1.26 10.36 -4.99
C ASN A 43 1.16 10.01 -3.51
N GLU A 44 2.12 9.21 -3.06
CA GLU A 44 2.16 8.79 -1.66
C GLU A 44 1.74 9.95 -0.76
N ASP A 45 2.35 11.11 -0.99
CA ASP A 45 2.05 12.28 -0.21
C ASP A 45 0.54 12.35 0.05
N SER A 46 -0.22 12.19 -1.02
CA SER A 46 -1.67 12.22 -0.91
C SER A 46 -2.13 11.45 0.33
N CYS A 47 -1.57 10.27 0.49
CA CYS A 47 -1.90 9.43 1.63
C CYS A 47 -0.63 9.16 2.43
N PRO A 48 -0.34 10.10 3.38
CA PRO A 48 0.84 9.98 4.21
C PRO A 48 0.65 8.91 5.28
N CYS A 49 -0.61 8.63 5.57
CA CYS A 49 -0.95 7.62 6.57
C CYS A 49 -0.37 6.28 6.13
N TYR A 50 -0.13 6.18 4.83
CA TYR A 50 0.43 4.97 4.26
C TYR A 50 1.85 5.20 3.73
N ALA A 51 2.15 6.48 3.50
CA ALA A 51 3.45 6.85 3.00
C ALA A 51 4.49 6.71 4.12
N ASN A 52 4.17 7.31 5.26
CA ASN A 52 5.06 7.26 6.41
C ASN A 52 5.21 5.81 6.87
N LEU A 53 4.12 5.06 6.72
CA LEU A 53 4.12 3.67 7.11
C LEU A 53 5.41 3.00 6.63
N LYS A 54 6.23 2.59 7.59
CA LYS A 54 7.49 1.94 7.27
C LYS A 54 7.82 0.92 8.36
N ASN A 55 8.96 0.28 8.20
CA ASN A 55 9.40 -0.73 9.16
C ASN A 55 10.48 -0.13 10.06
N SER A 56 11.00 -0.98 10.94
CA SER A 56 12.04 -0.56 11.87
C SER A 56 13.35 -0.28 11.11
N LYS A 57 13.61 -1.15 10.13
CA LYS A 57 14.82 -1.02 9.33
C LYS A 57 14.88 0.38 8.73
N GLY A 58 13.72 1.02 8.68
CA GLY A 58 13.62 2.36 8.13
C GLY A 58 13.40 2.31 6.61
N GLY A 59 12.77 1.23 6.16
CA GLY A 59 12.50 1.05 4.74
C GLY A 59 10.99 0.92 4.49
N HIS A 60 10.63 1.02 3.23
CA HIS A 60 9.24 0.91 2.84
C HIS A 60 8.71 -0.49 3.18
N LYS A 61 7.94 -0.55 4.25
CA LYS A 61 7.37 -1.81 4.69
C LYS A 61 6.21 -2.20 3.78
N CYS A 62 5.56 -1.18 3.25
CA CYS A 62 4.43 -1.39 2.36
C CYS A 62 4.93 -1.29 0.92
N PRO A 63 4.18 -1.96 0.00
CA PRO A 63 4.54 -1.95 -1.41
C PRO A 63 4.18 -0.61 -2.05
N ALA A 1 -15.02 5.01 7.62
CA ALA A 1 -15.10 3.59 7.32
C ALA A 1 -13.87 3.18 6.51
N HIS A 2 -13.41 1.96 6.76
CA HIS A 2 -12.25 1.43 6.07
C HIS A 2 -12.48 1.51 4.56
N ILE A 3 -11.38 1.69 3.83
CA ILE A 3 -11.45 1.78 2.39
C ILE A 3 -10.96 0.46 1.78
N ASP A 4 -11.35 0.24 0.53
CA ASP A 4 -10.96 -0.96 -0.17
C ASP A 4 -9.51 -0.84 -0.61
N CYS A 5 -8.62 -1.28 0.27
CA CYS A 5 -7.19 -1.23 -0.01
C CYS A 5 -6.81 -2.48 -0.80
N ASP A 6 -7.65 -3.50 -0.67
CA ASP A 6 -7.41 -4.76 -1.36
C ASP A 6 -7.93 -4.65 -2.80
N LYS A 7 -9.06 -3.99 -2.94
CA LYS A 7 -9.67 -3.82 -4.25
C LYS A 7 -8.86 -2.79 -5.04
N GLU A 8 -8.12 -1.97 -4.31
CA GLU A 8 -7.30 -0.94 -4.92
C GLU A 8 -5.89 -1.47 -5.17
N CYS A 9 -5.34 -2.12 -4.14
CA CYS A 9 -4.01 -2.67 -4.23
C CYS A 9 -3.99 -3.70 -5.37
N ASN A 10 -5.12 -4.33 -5.56
CA ASN A 10 -5.25 -5.34 -6.61
C ASN A 10 -4.94 -4.69 -7.96
N ARG A 11 -4.98 -3.37 -7.98
CA ARG A 11 -4.69 -2.63 -9.19
C ARG A 11 -3.25 -2.14 -9.20
N ARG A 12 -2.78 -1.76 -8.01
CA ARG A 12 -1.42 -1.28 -7.86
C ARG A 12 -0.42 -2.36 -8.24
N CYS A 13 -0.70 -3.58 -7.76
CA CYS A 13 0.18 -4.70 -8.04
C CYS A 13 -0.60 -5.70 -8.90
N SER A 14 -1.51 -5.16 -9.70
CA SER A 14 -2.33 -5.99 -10.58
C SER A 14 -1.43 -6.83 -11.49
N LYS A 15 -0.32 -6.22 -11.90
CA LYS A 15 0.63 -6.89 -12.77
C LYS A 15 2.01 -6.89 -12.11
N ALA A 16 2.01 -7.12 -10.82
CA ALA A 16 3.24 -7.15 -10.06
C ALA A 16 3.69 -8.60 -9.86
N SER A 17 5.00 -8.80 -9.88
CA SER A 17 5.55 -10.13 -9.71
C SER A 17 5.09 -10.72 -8.36
N ALA A 18 4.82 -9.83 -7.42
CA ALA A 18 4.38 -10.24 -6.10
C ALA A 18 2.88 -9.94 -5.96
N HIS A 19 2.10 -10.58 -6.82
CA HIS A 19 0.65 -10.39 -6.80
C HIS A 19 0.13 -10.61 -5.38
N ASP A 20 0.82 -11.49 -4.66
CA ASP A 20 0.43 -11.80 -3.30
C ASP A 20 1.32 -11.01 -2.33
N ARG A 21 2.59 -11.35 -2.33
CA ARG A 21 3.55 -10.69 -1.46
C ARG A 21 3.25 -9.19 -1.38
N CYS A 22 2.69 -8.68 -2.48
CA CYS A 22 2.36 -7.27 -2.55
C CYS A 22 0.98 -7.07 -1.90
N LEU A 23 -0.04 -7.52 -2.61
CA LEU A 23 -1.40 -7.41 -2.11
C LEU A 23 -1.45 -7.82 -0.64
N LYS A 24 -1.12 -9.08 -0.42
CA LYS A 24 -1.11 -9.62 0.93
C LYS A 24 -0.54 -8.58 1.89
N TYR A 25 0.71 -8.21 1.65
CA TYR A 25 1.38 -7.23 2.47
C TYR A 25 0.52 -5.96 2.63
N CYS A 26 -0.18 -5.62 1.56
CA CYS A 26 -1.04 -4.45 1.57
C CYS A 26 -2.25 -4.74 2.46
N GLY A 27 -2.63 -6.01 2.48
CA GLY A 27 -3.77 -6.44 3.28
C GLY A 27 -3.60 -6.00 4.73
N ILE A 28 -2.35 -5.86 5.13
CA ILE A 28 -2.04 -5.44 6.50
C ILE A 28 -1.76 -3.94 6.52
N CYS A 29 -1.09 -3.48 5.47
CA CYS A 29 -0.75 -2.07 5.35
C CYS A 29 -2.02 -1.25 5.55
N CYS A 30 -3.12 -1.80 5.07
CA CYS A 30 -4.41 -1.12 5.18
C CYS A 30 -4.78 -1.07 6.67
N GLU A 31 -4.61 -2.21 7.32
CA GLU A 31 -4.93 -2.31 8.73
C GLU A 31 -4.29 -1.16 9.51
N LYS A 32 -3.09 -0.80 9.09
CA LYS A 32 -2.36 0.28 9.72
C LYS A 32 -2.94 1.62 9.28
N CYS A 33 -2.93 1.82 7.97
CA CYS A 33 -3.45 3.05 7.39
C CYS A 33 -4.22 2.69 6.12
N ASN A 34 -5.53 2.93 6.18
CA ASN A 34 -6.38 2.65 5.03
C ASN A 34 -6.16 3.72 3.96
N CYS A 35 -5.02 3.61 3.29
CA CYS A 35 -4.70 4.56 2.23
C CYS A 35 -4.24 3.77 1.01
N VAL A 36 -4.50 4.35 -0.16
CA VAL A 36 -4.12 3.72 -1.41
C VAL A 36 -4.04 4.79 -2.51
N PRO A 37 -2.79 5.25 -2.77
CA PRO A 37 -2.56 6.26 -3.79
C PRO A 37 -2.67 5.65 -5.19
N PRO A 38 -2.73 6.56 -6.21
CA PRO A 38 -2.84 6.14 -7.59
C PRO A 38 -1.50 5.59 -8.10
N GLY A 39 -1.59 4.67 -9.04
CA GLY A 39 -0.41 4.07 -9.62
C GLY A 39 0.68 3.87 -8.56
N THR A 40 1.86 4.38 -8.88
CA THR A 40 2.99 4.28 -7.97
C THR A 40 4.01 5.38 -8.25
N TYR A 41 4.12 6.28 -7.28
CA TYR A 41 5.05 7.40 -7.40
C TYR A 41 4.92 8.35 -6.22
N GLY A 42 5.52 9.53 -6.38
CA GLY A 42 5.46 10.54 -5.34
C GLY A 42 4.05 10.70 -4.79
N ASN A 43 3.09 10.31 -5.60
CA ASN A 43 1.69 10.40 -5.22
C ASN A 43 1.55 10.05 -3.74
N GLU A 44 2.43 9.16 -3.29
CA GLU A 44 2.41 8.74 -1.90
C GLU A 44 2.09 9.92 -0.98
N ASP A 45 2.80 11.01 -1.21
CA ASP A 45 2.60 12.21 -0.41
C ASP A 45 1.11 12.40 -0.16
N SER A 46 0.33 12.31 -1.23
CA SER A 46 -1.11 12.46 -1.14
C SER A 46 -1.65 11.66 0.04
N CYS A 47 -1.18 10.43 0.14
CA CYS A 47 -1.61 9.55 1.21
C CYS A 47 -0.38 9.18 2.04
N PRO A 48 -0.08 10.06 3.04
CA PRO A 48 1.06 9.83 3.92
C PRO A 48 0.77 8.72 4.93
N CYS A 49 -0.52 8.49 5.15
CA CYS A 49 -0.95 7.47 6.09
C CYS A 49 -0.42 6.12 5.60
N TYR A 50 -0.29 6.01 4.29
CA TYR A 50 0.21 4.78 3.69
C TYR A 50 1.68 4.92 3.29
N ALA A 51 2.06 6.16 2.99
CA ALA A 51 3.42 6.44 2.59
C ALA A 51 4.36 6.25 3.78
N ASN A 52 4.08 7.01 4.84
CA ASN A 52 4.88 6.93 6.05
C ASN A 52 4.86 5.50 6.58
N LEU A 53 3.69 4.87 6.45
CA LEU A 53 3.53 3.50 6.91
C LEU A 53 4.78 2.69 6.56
N LYS A 54 5.63 2.52 7.57
CA LYS A 54 6.86 1.77 7.39
C LYS A 54 7.12 0.92 8.63
N ASN A 55 8.29 0.30 8.65
CA ASN A 55 8.69 -0.55 9.76
C ASN A 55 9.28 0.32 10.87
N SER A 56 9.79 -0.34 11.90
CA SER A 56 10.38 0.35 13.02
C SER A 56 11.78 0.86 12.64
N LYS A 57 12.36 0.20 11.65
CA LYS A 57 13.69 0.56 11.19
C LYS A 57 13.61 1.91 10.46
N GLY A 58 12.39 2.28 10.10
CA GLY A 58 12.18 3.53 9.40
C GLY A 58 12.37 3.36 7.89
N GLY A 59 11.98 2.19 7.41
CA GLY A 59 12.11 1.89 6.00
C GLY A 59 10.81 1.30 5.44
N HIS A 60 10.44 1.77 4.26
CA HIS A 60 9.22 1.31 3.62
C HIS A 60 9.08 -0.20 3.81
N LYS A 61 8.08 -0.56 4.61
CA LYS A 61 7.82 -1.96 4.89
C LYS A 61 6.75 -2.49 3.94
N CYS A 62 6.03 -1.54 3.34
CA CYS A 62 4.97 -1.89 2.41
C CYS A 62 5.57 -1.96 1.00
N PRO A 63 4.86 -2.72 0.12
CA PRO A 63 5.32 -2.87 -1.26
C PRO A 63 5.06 -1.59 -2.07
N ALA A 1 -14.60 5.34 6.88
CA ALA A 1 -14.94 4.05 6.30
C ALA A 1 -13.69 3.40 5.72
N HIS A 2 -13.73 2.08 5.65
CA HIS A 2 -12.60 1.33 5.12
C HIS A 2 -12.64 1.33 3.59
N ILE A 3 -11.47 1.47 3.00
CA ILE A 3 -11.37 1.49 1.55
C ILE A 3 -10.81 0.15 1.06
N ASP A 4 -11.07 -0.13 -0.22
CA ASP A 4 -10.61 -1.38 -0.82
C ASP A 4 -9.13 -1.24 -1.19
N CYS A 5 -8.28 -1.57 -0.24
CA CYS A 5 -6.84 -1.49 -0.46
C CYS A 5 -6.42 -2.69 -1.30
N ASP A 6 -7.24 -3.73 -1.25
CA ASP A 6 -6.96 -4.95 -2.00
C ASP A 6 -7.43 -4.77 -3.44
N LYS A 7 -8.65 -4.26 -3.58
CA LYS A 7 -9.22 -4.04 -4.90
C LYS A 7 -8.44 -2.93 -5.60
N GLU A 8 -7.79 -2.10 -4.80
CA GLU A 8 -7.00 -1.00 -5.34
C GLU A 8 -5.57 -1.46 -5.61
N CYS A 9 -4.97 -2.09 -4.61
CA CYS A 9 -3.61 -2.58 -4.74
C CYS A 9 -3.59 -3.64 -5.83
N ASN A 10 -4.76 -4.22 -6.10
CA ASN A 10 -4.88 -5.24 -7.11
C ASN A 10 -4.66 -4.62 -8.49
N ARG A 11 -4.66 -3.30 -8.52
CA ARG A 11 -4.46 -2.57 -9.76
C ARG A 11 -2.99 -2.13 -9.88
N ARG A 12 -2.48 -1.58 -8.79
CA ARG A 12 -1.10 -1.12 -8.77
C ARG A 12 -0.15 -2.30 -8.95
N CYS A 13 -0.45 -3.38 -8.25
CA CYS A 13 0.36 -4.57 -8.31
C CYS A 13 -0.42 -5.66 -9.07
N SER A 14 -1.34 -5.20 -9.90
CA SER A 14 -2.16 -6.12 -10.68
C SER A 14 -1.27 -7.09 -11.44
N LYS A 15 -0.16 -6.57 -11.95
CA LYS A 15 0.78 -7.38 -12.70
C LYS A 15 2.14 -7.36 -12.00
N ALA A 16 2.08 -7.37 -10.68
CA ALA A 16 3.30 -7.35 -9.87
C ALA A 16 3.71 -8.79 -9.55
N SER A 17 4.96 -9.10 -9.86
CA SER A 17 5.48 -10.43 -9.60
C SER A 17 5.06 -10.91 -8.21
N ALA A 18 4.85 -9.93 -7.33
CA ALA A 18 4.46 -10.23 -5.96
C ALA A 18 2.96 -9.94 -5.80
N HIS A 19 2.16 -10.65 -6.58
CA HIS A 19 0.72 -10.48 -6.52
C HIS A 19 0.24 -10.58 -5.07
N ASP A 20 0.98 -11.35 -4.29
CA ASP A 20 0.65 -11.53 -2.89
C ASP A 20 1.53 -10.62 -2.03
N ARG A 21 2.83 -10.88 -2.09
CA ARG A 21 3.78 -10.10 -1.32
C ARG A 21 3.41 -8.62 -1.37
N CYS A 22 2.75 -8.23 -2.46
CA CYS A 22 2.34 -6.86 -2.64
C CYS A 22 0.96 -6.68 -1.98
N LEU A 23 -0.03 -7.30 -2.59
CA LEU A 23 -1.40 -7.23 -2.08
C LEU A 23 -1.38 -7.52 -0.58
N LYS A 24 -0.97 -8.73 -0.24
CA LYS A 24 -0.91 -9.13 1.16
C LYS A 24 -0.37 -7.98 2.00
N TYR A 25 0.85 -7.59 1.70
CA TYR A 25 1.49 -6.50 2.42
C TYR A 25 0.58 -5.27 2.47
N CYS A 26 -0.17 -5.09 1.40
CA CYS A 26 -1.08 -3.96 1.31
C CYS A 26 -2.29 -4.25 2.21
N GLY A 27 -2.58 -5.53 2.37
CA GLY A 27 -3.70 -5.95 3.20
C GLY A 27 -3.45 -5.61 4.67
N ILE A 28 -2.16 -5.49 5.01
CA ILE A 28 -1.78 -5.18 6.37
C ILE A 28 -1.72 -3.67 6.54
N CYS A 29 -0.94 -3.03 5.67
CA CYS A 29 -0.78 -1.59 5.71
C CYS A 29 -2.17 -0.96 5.74
N CYS A 30 -3.14 -1.71 5.25
CA CYS A 30 -4.51 -1.23 5.21
C CYS A 30 -5.08 -1.29 6.63
N GLU A 31 -4.74 -2.37 7.32
CA GLU A 31 -5.20 -2.57 8.68
C GLU A 31 -4.80 -1.38 9.56
N LYS A 32 -3.57 -0.94 9.36
CA LYS A 32 -3.04 0.19 10.11
C LYS A 32 -3.76 1.47 9.68
N CYS A 33 -3.78 1.68 8.37
CA CYS A 33 -4.43 2.86 7.81
C CYS A 33 -4.89 2.52 6.40
N ASN A 34 -6.21 2.52 6.23
CA ASN A 34 -6.80 2.22 4.95
C ASN A 34 -6.40 3.30 3.94
N CYS A 35 -5.19 3.17 3.43
CA CYS A 35 -4.67 4.13 2.46
C CYS A 35 -4.21 3.36 1.23
N VAL A 36 -4.38 4.00 0.08
CA VAL A 36 -3.99 3.39 -1.18
C VAL A 36 -3.90 4.47 -2.26
N PRO A 37 -2.64 4.93 -2.51
CA PRO A 37 -2.41 5.96 -3.51
C PRO A 37 -2.50 5.38 -4.92
N PRO A 38 -2.66 6.30 -5.92
CA PRO A 38 -2.76 5.90 -7.30
C PRO A 38 -1.40 5.48 -7.85
N GLY A 39 -1.44 4.57 -8.82
CA GLY A 39 -0.21 4.09 -9.44
C GLY A 39 0.91 3.96 -8.41
N THR A 40 2.04 4.58 -8.72
CA THR A 40 3.19 4.54 -7.85
C THR A 40 4.11 5.74 -8.10
N TYR A 41 4.17 6.62 -7.11
CA TYR A 41 4.99 7.80 -7.22
C TYR A 41 4.81 8.71 -6.01
N GLY A 42 5.30 9.94 -6.14
CA GLY A 42 5.19 10.91 -5.07
C GLY A 42 3.77 10.95 -4.50
N ASN A 43 2.83 10.49 -5.31
CA ASN A 43 1.43 10.47 -4.90
C ASN A 43 1.35 10.07 -3.43
N GLU A 44 2.29 9.25 -3.01
CA GLU A 44 2.33 8.79 -1.64
C GLU A 44 1.93 9.92 -0.69
N ASP A 45 2.55 11.08 -0.89
CA ASP A 45 2.27 12.24 -0.07
C ASP A 45 0.76 12.31 0.21
N SER A 46 -0.01 12.18 -0.86
CA SER A 46 -1.46 12.22 -0.75
C SER A 46 -1.92 11.41 0.48
N CYS A 47 -1.36 10.22 0.59
CA CYS A 47 -1.70 9.34 1.69
C CYS A 47 -0.44 9.11 2.54
N PRO A 48 -0.20 10.05 3.49
CA PRO A 48 0.96 9.95 4.36
C PRO A 48 0.77 8.86 5.42
N CYS A 49 -0.49 8.54 5.66
CA CYS A 49 -0.82 7.52 6.64
C CYS A 49 -0.22 6.20 6.19
N TYR A 50 0.04 6.12 4.88
CA TYR A 50 0.61 4.92 4.30
C TYR A 50 2.03 5.17 3.79
N ALA A 51 2.31 6.46 3.55
CA ALA A 51 3.62 6.85 3.06
C ALA A 51 4.62 6.82 4.21
N ASN A 52 4.27 7.53 5.28
CA ASN A 52 5.13 7.60 6.44
C ASN A 52 5.35 6.18 6.99
N LEU A 53 4.31 5.37 6.91
CA LEU A 53 4.38 4.00 7.39
C LEU A 53 5.71 3.39 6.93
N LYS A 54 6.59 3.18 7.91
CA LYS A 54 7.89 2.60 7.63
C LYS A 54 8.17 1.48 8.64
N ASN A 55 9.15 0.66 8.30
CA ASN A 55 9.52 -0.45 9.16
C ASN A 55 10.63 0.00 10.11
N SER A 56 11.16 -0.96 10.86
CA SER A 56 12.22 -0.67 11.81
C SER A 56 13.47 -0.17 11.07
N LYS A 57 13.86 -0.92 10.06
CA LYS A 57 15.02 -0.57 9.27
C LYS A 57 14.89 0.89 8.79
N GLY A 58 13.64 1.34 8.73
CA GLY A 58 13.36 2.70 8.31
C GLY A 58 13.06 2.74 6.80
N GLY A 59 12.46 1.67 6.31
CA GLY A 59 12.12 1.57 4.90
C GLY A 59 10.61 1.38 4.71
N HIS A 60 10.15 1.75 3.54
CA HIS A 60 8.74 1.62 3.21
C HIS A 60 8.29 0.18 3.45
N LYS A 61 7.68 -0.04 4.61
CA LYS A 61 7.19 -1.36 4.96
C LYS A 61 6.04 -1.75 4.04
N CYS A 62 5.42 -0.73 3.45
CA CYS A 62 4.31 -0.95 2.55
C CYS A 62 4.82 -0.80 1.12
N PRO A 63 4.12 -1.51 0.19
CA PRO A 63 4.50 -1.46 -1.22
C PRO A 63 4.07 -0.14 -1.86
N ALA A 1 -13.91 5.35 8.15
CA ALA A 1 -14.53 4.22 7.48
C ALA A 1 -13.46 3.43 6.74
N HIS A 2 -13.48 2.12 6.94
CA HIS A 2 -12.52 1.24 6.30
C HIS A 2 -12.68 1.34 4.78
N ILE A 3 -11.59 1.72 4.13
CA ILE A 3 -11.58 1.86 2.67
C ILE A 3 -11.12 0.54 2.05
N ASP A 4 -11.21 0.49 0.72
CA ASP A 4 -10.80 -0.69 -0.01
C ASP A 4 -9.32 -0.57 -0.39
N CYS A 5 -8.48 -1.15 0.45
CA CYS A 5 -7.05 -1.13 0.21
C CYS A 5 -6.68 -2.32 -0.68
N ASP A 6 -7.50 -3.36 -0.59
CA ASP A 6 -7.26 -4.55 -1.37
C ASP A 6 -7.85 -4.36 -2.77
N LYS A 7 -9.07 -3.84 -2.81
CA LYS A 7 -9.74 -3.61 -4.09
C LYS A 7 -8.94 -2.59 -4.89
N GLU A 8 -8.09 -1.86 -4.20
CA GLU A 8 -7.26 -0.85 -4.84
C GLU A 8 -5.85 -1.40 -5.08
N CYS A 9 -5.34 -2.07 -4.06
CA CYS A 9 -4.00 -2.65 -4.14
C CYS A 9 -3.98 -3.64 -5.31
N ASN A 10 -5.10 -4.29 -5.51
CA ASN A 10 -5.22 -5.27 -6.59
C ASN A 10 -4.90 -4.58 -7.92
N ARG A 11 -4.96 -3.26 -7.90
CA ARG A 11 -4.69 -2.47 -9.09
C ARG A 11 -3.25 -1.95 -9.06
N ARG A 12 -2.84 -1.55 -7.86
CA ARG A 12 -1.49 -1.01 -7.68
C ARG A 12 -0.46 -2.06 -8.09
N CYS A 13 -0.66 -3.28 -7.62
CA CYS A 13 0.24 -4.37 -7.92
C CYS A 13 -0.49 -5.38 -8.80
N SER A 14 -1.42 -4.85 -9.60
CA SER A 14 -2.19 -5.70 -10.50
C SER A 14 -1.26 -6.47 -11.43
N LYS A 15 -0.17 -5.81 -11.80
CA LYS A 15 0.80 -6.43 -12.69
C LYS A 15 2.16 -6.47 -11.99
N ALA A 16 2.12 -6.75 -10.70
CA ALA A 16 3.34 -6.83 -9.92
C ALA A 16 3.74 -8.29 -9.74
N SER A 17 5.00 -8.56 -10.06
CA SER A 17 5.52 -9.91 -9.95
C SER A 17 5.07 -10.55 -8.63
N ALA A 18 4.82 -9.68 -7.66
CA ALA A 18 4.39 -10.14 -6.34
C ALA A 18 2.89 -9.85 -6.18
N HIS A 19 2.11 -10.47 -7.06
CA HIS A 19 0.66 -10.29 -7.03
C HIS A 19 0.15 -10.54 -5.61
N ASP A 20 0.82 -11.46 -4.92
CA ASP A 20 0.44 -11.80 -3.57
C ASP A 20 1.36 -11.07 -2.59
N ARG A 21 2.63 -11.45 -2.61
CA ARG A 21 3.61 -10.84 -1.74
C ARG A 21 3.34 -9.33 -1.61
N CYS A 22 2.79 -8.77 -2.67
CA CYS A 22 2.48 -7.35 -2.70
C CYS A 22 1.13 -7.14 -2.02
N LEU A 23 0.09 -7.54 -2.74
CA LEU A 23 -1.27 -7.40 -2.23
C LEU A 23 -1.31 -7.87 -0.76
N LYS A 24 -1.00 -9.14 -0.58
CA LYS A 24 -1.00 -9.73 0.75
C LYS A 24 -0.39 -8.72 1.74
N TYR A 25 0.86 -8.39 1.49
CA TYR A 25 1.57 -7.45 2.34
C TYR A 25 0.74 -6.18 2.57
N CYS A 26 0.08 -5.74 1.50
CA CYS A 26 -0.75 -4.55 1.57
C CYS A 26 -1.93 -4.84 2.50
N GLY A 27 -2.38 -6.09 2.44
CA GLY A 27 -3.51 -6.51 3.27
C GLY A 27 -3.30 -6.08 4.73
N ILE A 28 -2.04 -5.88 5.08
CA ILE A 28 -1.69 -5.48 6.43
C ILE A 28 -1.44 -3.96 6.47
N CYS A 29 -0.67 -3.51 5.50
CA CYS A 29 -0.35 -2.10 5.40
C CYS A 29 -1.63 -1.29 5.58
N CYS A 30 -2.71 -1.83 5.02
CA CYS A 30 -4.01 -1.18 5.11
C CYS A 30 -4.36 -1.02 6.60
N GLU A 31 -4.26 -2.12 7.32
CA GLU A 31 -4.56 -2.12 8.74
C GLU A 31 -3.70 -1.09 9.47
N LYS A 32 -2.61 -0.71 8.81
CA LYS A 32 -1.69 0.27 9.38
C LYS A 32 -2.18 1.68 9.02
N CYS A 33 -2.59 1.83 7.77
CA CYS A 33 -3.07 3.11 7.29
C CYS A 33 -4.00 2.86 6.10
N ASN A 34 -5.27 3.19 6.29
CA ASN A 34 -6.25 3.00 5.23
C ASN A 34 -6.04 4.07 4.16
N CYS A 35 -5.05 3.81 3.30
CA CYS A 35 -4.75 4.73 2.22
C CYS A 35 -4.38 3.91 0.98
N VAL A 36 -4.41 4.58 -0.17
CA VAL A 36 -4.10 3.94 -1.42
C VAL A 36 -4.08 4.98 -2.54
N PRO A 37 -2.85 5.45 -2.87
CA PRO A 37 -2.68 6.44 -3.92
C PRO A 37 -2.86 5.82 -5.30
N PRO A 38 -3.02 6.71 -6.32
CA PRO A 38 -3.19 6.26 -7.69
C PRO A 38 -1.87 5.77 -8.28
N GLY A 39 -1.99 4.83 -9.21
CA GLY A 39 -0.81 4.28 -9.86
C GLY A 39 0.34 4.12 -8.87
N THR A 40 1.48 4.67 -9.26
CA THR A 40 2.67 4.61 -8.41
C THR A 40 3.62 5.76 -8.74
N TYR A 41 3.77 6.65 -7.78
CA TYR A 41 4.64 7.80 -7.95
C TYR A 41 4.55 8.75 -6.76
N GLY A 42 5.09 9.95 -6.96
CA GLY A 42 5.07 10.95 -5.90
C GLY A 42 3.67 11.08 -5.29
N ASN A 43 2.68 10.64 -6.05
CA ASN A 43 1.31 10.69 -5.59
C ASN A 43 1.25 10.34 -4.10
N GLU A 44 2.19 9.49 -3.69
CA GLU A 44 2.27 9.06 -2.31
C GLU A 44 1.94 10.24 -1.38
N ASP A 45 2.59 11.36 -1.64
CA ASP A 45 2.39 12.56 -0.84
C ASP A 45 0.91 12.69 -0.51
N SER A 46 0.09 12.56 -1.54
CA SER A 46 -1.36 12.67 -1.38
C SER A 46 -1.81 11.83 -0.19
N CYS A 47 -1.30 10.60 -0.14
CA CYS A 47 -1.64 9.68 0.92
C CYS A 47 -0.37 9.36 1.71
N PRO A 48 -0.07 10.24 2.71
CA PRO A 48 1.11 10.06 3.53
C PRO A 48 0.91 8.92 4.54
N CYS A 49 -0.35 8.62 4.80
CA CYS A 49 -0.69 7.57 5.73
C CYS A 49 -0.12 6.25 5.21
N TYR A 50 0.07 6.21 3.90
CA TYR A 50 0.61 5.03 3.26
C TYR A 50 2.02 5.28 2.73
N ALA A 51 2.39 6.55 2.71
CA ALA A 51 3.70 6.94 2.23
C ALA A 51 4.70 6.91 3.39
N ASN A 52 4.15 7.03 4.59
CA ASN A 52 4.99 7.02 5.79
C ASN A 52 4.66 5.77 6.61
N LEU A 53 4.17 4.75 5.92
CA LEU A 53 3.81 3.50 6.57
C LEU A 53 4.95 2.50 6.39
N LYS A 54 5.75 2.37 7.43
CA LYS A 54 6.88 1.45 7.40
C LYS A 54 6.99 0.73 8.75
N ASN A 55 8.08 0.00 8.91
CA ASN A 55 8.32 -0.73 10.14
C ASN A 55 9.04 0.19 11.14
N SER A 56 9.43 -0.41 12.25
CA SER A 56 10.13 0.33 13.29
C SER A 56 11.62 0.41 12.97
N LYS A 57 12.06 -0.50 12.10
CA LYS A 57 13.45 -0.55 11.70
C LYS A 57 13.78 0.67 10.84
N GLY A 58 12.72 1.31 10.36
CA GLY A 58 12.87 2.49 9.52
C GLY A 58 13.05 2.09 8.05
N GLY A 59 12.35 1.03 7.67
CA GLY A 59 12.42 0.55 6.31
C GLY A 59 11.02 0.21 5.78
N HIS A 60 10.74 0.71 4.58
CA HIS A 60 9.45 0.47 3.95
C HIS A 60 9.07 -1.01 4.11
N LYS A 61 8.04 -1.24 4.90
CA LYS A 61 7.56 -2.59 5.14
C LYS A 61 6.55 -2.97 4.05
N CYS A 62 6.06 -1.95 3.36
CA CYS A 62 5.09 -2.17 2.30
C CYS A 62 5.86 -2.51 1.01
N PRO A 63 5.14 -3.21 0.09
CA PRO A 63 5.74 -3.61 -1.16
C PRO A 63 5.85 -2.42 -2.12
N ALA A 1 -18.21 2.54 5.89
CA ALA A 1 -17.52 1.34 5.49
C ALA A 1 -16.03 1.63 5.31
N HIS A 2 -15.23 0.56 5.35
CA HIS A 2 -13.80 0.71 5.19
C HIS A 2 -13.46 0.82 3.69
N ILE A 3 -12.18 1.07 3.43
CA ILE A 3 -11.71 1.22 2.06
C ILE A 3 -11.21 -0.14 1.56
N ASP A 4 -11.12 -0.25 0.24
CA ASP A 4 -10.66 -1.48 -0.38
C ASP A 4 -9.20 -1.31 -0.82
N CYS A 5 -8.30 -1.60 0.11
CA CYS A 5 -6.88 -1.48 -0.17
C CYS A 5 -6.46 -2.66 -1.05
N ASP A 6 -7.23 -3.74 -0.94
CA ASP A 6 -6.95 -4.93 -1.72
C ASP A 6 -7.47 -4.75 -3.15
N LYS A 7 -8.73 -4.32 -3.24
CA LYS A 7 -9.35 -4.10 -4.53
C LYS A 7 -8.60 -2.98 -5.26
N GLU A 8 -8.07 -2.06 -4.48
CA GLU A 8 -7.33 -0.94 -5.04
C GLU A 8 -5.91 -1.36 -5.41
N CYS A 9 -5.24 -1.97 -4.44
CA CYS A 9 -3.88 -2.43 -4.65
C CYS A 9 -3.89 -3.49 -5.75
N ASN A 10 -5.07 -4.07 -5.96
CA ASN A 10 -5.22 -5.09 -6.98
C ASN A 10 -5.03 -4.46 -8.36
N ARG A 11 -4.99 -3.14 -8.38
CA ARG A 11 -4.81 -2.41 -9.63
C ARG A 11 -3.35 -2.02 -9.80
N ARG A 12 -2.78 -1.46 -8.74
CA ARG A 12 -1.39 -1.05 -8.75
C ARG A 12 -0.47 -2.24 -8.92
N CYS A 13 -0.77 -3.29 -8.16
CA CYS A 13 0.01 -4.51 -8.21
C CYS A 13 -0.80 -5.58 -8.95
N SER A 14 -1.75 -5.11 -9.75
CA SER A 14 -2.59 -6.00 -10.52
C SER A 14 -1.72 -7.02 -11.27
N LYS A 15 -0.56 -6.56 -11.71
CA LYS A 15 0.35 -7.42 -12.44
C LYS A 15 1.76 -7.26 -11.85
N ALA A 16 1.80 -7.02 -10.54
CA ALA A 16 3.07 -6.85 -9.85
C ALA A 16 3.67 -8.24 -9.56
N SER A 17 4.94 -8.37 -9.89
CA SER A 17 5.65 -9.62 -9.66
C SER A 17 5.22 -10.22 -8.33
N ALA A 18 5.04 -9.36 -7.35
CA ALA A 18 4.63 -9.79 -6.03
C ALA A 18 3.17 -9.40 -5.80
N HIS A 19 2.31 -9.91 -6.66
CA HIS A 19 0.89 -9.63 -6.56
C HIS A 19 0.37 -10.07 -5.20
N ASP A 20 1.16 -10.92 -4.54
CA ASP A 20 0.79 -11.44 -3.23
C ASP A 20 1.53 -10.64 -2.16
N ARG A 21 2.85 -10.73 -2.19
CA ARG A 21 3.68 -10.03 -1.24
C ARG A 21 3.36 -8.53 -1.25
N CYS A 22 2.73 -8.11 -2.34
CA CYS A 22 2.37 -6.71 -2.48
C CYS A 22 1.01 -6.49 -1.81
N LEU A 23 -0.02 -7.10 -2.41
CA LEU A 23 -1.37 -6.98 -1.88
C LEU A 23 -1.36 -7.31 -0.39
N LYS A 24 -0.92 -8.53 -0.09
CA LYS A 24 -0.87 -8.98 1.29
C LYS A 24 -0.35 -7.83 2.17
N TYR A 25 0.86 -7.40 1.87
CA TYR A 25 1.47 -6.31 2.63
C TYR A 25 0.58 -5.07 2.63
N CYS A 26 -0.12 -4.89 1.53
CA CYS A 26 -1.02 -3.75 1.38
C CYS A 26 -2.22 -3.97 2.31
N GLY A 27 -2.54 -5.24 2.54
CA GLY A 27 -3.65 -5.59 3.40
C GLY A 27 -3.35 -5.26 4.86
N ILE A 28 -2.07 -5.41 5.22
CA ILE A 28 -1.63 -5.14 6.57
C ILE A 28 -1.56 -3.63 6.78
N CYS A 29 -0.89 -2.96 5.85
CA CYS A 29 -0.73 -1.51 5.93
C CYS A 29 -2.13 -0.89 5.92
N CYS A 30 -3.08 -1.63 5.38
CA CYS A 30 -4.45 -1.16 5.31
C CYS A 30 -4.99 -1.06 6.73
N GLU A 31 -4.49 -1.91 7.60
CA GLU A 31 -4.90 -1.93 8.99
C GLU A 31 -4.26 -0.76 9.75
N LYS A 32 -2.99 -0.56 9.47
CA LYS A 32 -2.25 0.52 10.12
C LYS A 32 -2.83 1.86 9.69
N CYS A 33 -3.12 1.96 8.40
CA CYS A 33 -3.69 3.18 7.85
C CYS A 33 -4.39 2.84 6.53
N ASN A 34 -5.70 3.00 6.54
CA ASN A 34 -6.49 2.70 5.35
C ASN A 34 -6.19 3.75 4.28
N CYS A 35 -5.07 3.56 3.59
CA CYS A 35 -4.66 4.47 2.54
C CYS A 35 -4.25 3.64 1.32
N VAL A 36 -4.47 4.22 0.15
CA VAL A 36 -4.13 3.56 -1.10
C VAL A 36 -4.10 4.57 -2.23
N PRO A 37 -2.86 5.04 -2.55
CA PRO A 37 -2.68 6.02 -3.61
C PRO A 37 -2.84 5.37 -4.99
N PRO A 38 -3.11 6.24 -6.00
CA PRO A 38 -3.28 5.76 -7.36
C PRO A 38 -1.93 5.39 -7.99
N GLY A 39 -1.98 4.45 -8.91
CA GLY A 39 -0.78 3.99 -9.58
C GLY A 39 0.42 3.99 -8.63
N THR A 40 1.49 4.63 -9.07
CA THR A 40 2.69 4.70 -8.27
C THR A 40 3.53 5.92 -8.66
N TYR A 41 3.62 6.86 -7.74
CA TYR A 41 4.37 8.08 -7.97
C TYR A 41 4.22 9.06 -6.80
N GLY A 42 4.64 10.29 -7.05
CA GLY A 42 4.56 11.32 -6.03
C GLY A 42 3.21 11.28 -5.31
N ASN A 43 2.22 10.73 -6.01
CA ASN A 43 0.88 10.63 -5.46
C ASN A 43 0.97 10.28 -3.97
N GLU A 44 2.02 9.54 -3.63
CA GLU A 44 2.23 9.13 -2.26
C GLU A 44 1.85 10.27 -1.30
N ASP A 45 2.36 11.45 -1.61
CA ASP A 45 2.08 12.62 -0.79
C ASP A 45 0.61 12.60 -0.36
N SER A 46 -0.26 12.38 -1.33
CA SER A 46 -1.69 12.32 -1.07
C SER A 46 -1.96 11.50 0.20
N CYS A 47 -1.31 10.34 0.25
CA CYS A 47 -1.47 9.46 1.40
C CYS A 47 -0.08 9.18 1.99
N PRO A 48 0.33 10.07 2.93
CA PRO A 48 1.63 9.93 3.57
C PRO A 48 1.61 8.81 4.60
N CYS A 49 0.43 8.55 5.12
CA CYS A 49 0.26 7.49 6.11
C CYS A 49 0.67 6.17 5.48
N TYR A 50 0.64 6.15 4.16
CA TYR A 50 1.02 4.95 3.43
C TYR A 50 2.33 5.14 2.68
N ALA A 51 2.78 6.39 2.65
CA ALA A 51 4.02 6.72 1.98
C ALA A 51 5.20 6.48 2.93
N ASN A 52 5.03 6.97 4.15
CA ASN A 52 6.06 6.80 5.16
C ASN A 52 5.80 5.52 5.96
N LEU A 53 5.01 4.65 5.36
CA LEU A 53 4.67 3.38 6.00
C LEU A 53 5.83 2.41 5.83
N LYS A 54 6.62 2.29 6.91
CA LYS A 54 7.76 1.40 6.90
C LYS A 54 7.79 0.61 8.21
N ASN A 55 8.87 -0.13 8.39
CA ASN A 55 9.03 -0.93 9.59
C ASN A 55 10.02 -0.24 10.54
N SER A 56 10.38 -0.96 11.60
CA SER A 56 11.31 -0.42 12.58
C SER A 56 12.67 -0.17 11.92
N LYS A 57 13.17 -1.19 11.25
CA LYS A 57 14.46 -1.10 10.58
C LYS A 57 14.50 0.20 9.77
N GLY A 58 13.33 0.60 9.28
CA GLY A 58 13.23 1.82 8.50
C GLY A 58 13.25 1.50 7.00
N GLY A 59 12.73 0.33 6.66
CA GLY A 59 12.68 -0.10 5.28
C GLY A 59 11.23 -0.17 4.78
N HIS A 60 11.07 0.12 3.49
CA HIS A 60 9.75 0.09 2.88
C HIS A 60 9.11 -1.28 3.09
N LYS A 61 8.43 -1.42 4.21
CA LYS A 61 7.76 -2.66 4.54
C LYS A 61 6.44 -2.76 3.77
N CYS A 62 6.00 -1.61 3.28
CA CYS A 62 4.76 -1.54 2.53
C CYS A 62 5.10 -1.37 1.05
N PRO A 63 4.13 -1.78 0.18
CA PRO A 63 4.32 -1.68 -1.26
C PRO A 63 4.19 -0.23 -1.73
N ALA A 1 -15.36 4.94 6.80
CA ALA A 1 -15.61 3.52 6.62
C ALA A 1 -14.40 2.86 5.96
N HIS A 2 -14.26 1.57 6.19
CA HIS A 2 -13.15 0.81 5.63
C HIS A 2 -13.28 0.76 4.10
N ILE A 3 -12.20 1.13 3.44
CA ILE A 3 -12.18 1.13 1.98
C ILE A 3 -11.53 -0.16 1.49
N ASP A 4 -11.37 -0.22 0.17
CA ASP A 4 -10.76 -1.39 -0.45
C ASP A 4 -9.28 -1.11 -0.69
N CYS A 5 -8.46 -1.58 0.25
CA CYS A 5 -7.02 -1.38 0.15
C CYS A 5 -6.45 -2.47 -0.77
N ASP A 6 -7.17 -3.59 -0.83
CA ASP A 6 -6.75 -4.70 -1.66
C ASP A 6 -7.13 -4.42 -3.12
N LYS A 7 -8.35 -3.93 -3.29
CA LYS A 7 -8.85 -3.63 -4.62
C LYS A 7 -7.90 -2.63 -5.29
N GLU A 8 -7.52 -1.62 -4.52
CA GLU A 8 -6.62 -0.59 -5.02
C GLU A 8 -5.24 -1.19 -5.31
N CYS A 9 -4.72 -1.89 -4.32
CA CYS A 9 -3.42 -2.52 -4.45
C CYS A 9 -3.50 -3.57 -5.56
N ASN A 10 -4.72 -4.02 -5.83
CA ASN A 10 -4.94 -5.01 -6.86
C ASN A 10 -4.72 -4.37 -8.23
N ARG A 11 -4.70 -3.05 -8.24
CA ARG A 11 -4.50 -2.31 -9.47
C ARG A 11 -3.03 -1.92 -9.62
N ARG A 12 -2.46 -1.45 -8.52
CA ARG A 12 -1.07 -1.05 -8.51
C ARG A 12 -0.15 -2.25 -8.68
N CYS A 13 -0.53 -3.34 -8.04
CA CYS A 13 0.24 -4.58 -8.11
C CYS A 13 -0.57 -5.60 -8.90
N SER A 14 -1.49 -5.09 -9.70
CA SER A 14 -2.35 -5.96 -10.51
C SER A 14 -1.49 -6.94 -11.31
N LYS A 15 -0.34 -6.46 -11.75
CA LYS A 15 0.58 -7.27 -12.52
C LYS A 15 1.98 -7.20 -11.89
N ALA A 16 1.99 -7.14 -10.57
CA ALA A 16 3.24 -7.07 -9.83
C ALA A 16 3.76 -8.49 -9.57
N SER A 17 5.02 -8.69 -9.90
CA SER A 17 5.65 -9.99 -9.71
C SER A 17 5.19 -10.60 -8.38
N ALA A 18 4.88 -9.72 -7.44
CA ALA A 18 4.44 -10.15 -6.12
C ALA A 18 2.95 -9.81 -5.96
N HIS A 19 2.15 -10.37 -6.86
CA HIS A 19 0.72 -10.15 -6.82
C HIS A 19 0.17 -10.47 -5.43
N ASP A 20 0.89 -11.34 -4.74
CA ASP A 20 0.50 -11.74 -3.40
C ASP A 20 1.30 -10.93 -2.37
N ARG A 21 2.59 -11.23 -2.32
CA ARG A 21 3.48 -10.55 -1.39
C ARG A 21 3.14 -9.06 -1.33
N CYS A 22 2.61 -8.55 -2.44
CA CYS A 22 2.23 -7.15 -2.51
C CYS A 22 0.87 -6.99 -1.82
N LEU A 23 -0.16 -7.48 -2.50
CA LEU A 23 -1.51 -7.38 -1.97
C LEU A 23 -1.49 -7.74 -0.49
N LYS A 24 -1.09 -8.97 -0.21
CA LYS A 24 -1.03 -9.44 1.17
C LYS A 24 -0.49 -8.33 2.06
N TYR A 25 0.77 -7.97 1.82
CA TYR A 25 1.42 -6.93 2.59
C TYR A 25 0.53 -5.68 2.68
N CYS A 26 -0.24 -5.46 1.62
CA CYS A 26 -1.13 -4.32 1.57
C CYS A 26 -2.24 -4.52 2.61
N GLY A 27 -2.77 -5.73 2.62
CA GLY A 27 -3.84 -6.07 3.56
C GLY A 27 -3.50 -5.59 4.96
N ILE A 28 -2.19 -5.51 5.24
CA ILE A 28 -1.73 -5.06 6.54
C ILE A 28 -1.66 -3.53 6.55
N CYS A 29 -0.97 -2.99 5.55
CA CYS A 29 -0.82 -1.55 5.45
C CYS A 29 -2.19 -0.91 5.66
N CYS A 30 -3.23 -1.65 5.29
CA CYS A 30 -4.59 -1.16 5.45
C CYS A 30 -4.87 -0.97 6.93
N GLU A 31 -4.53 -2.00 7.70
CA GLU A 31 -4.75 -1.96 9.14
C GLU A 31 -4.25 -0.64 9.71
N LYS A 32 -3.19 -0.13 9.10
CA LYS A 32 -2.60 1.13 9.54
C LYS A 32 -3.49 2.29 9.08
N CYS A 33 -3.64 2.38 7.77
CA CYS A 33 -4.46 3.44 7.19
C CYS A 33 -5.15 2.88 5.95
N ASN A 34 -6.47 2.94 5.97
CA ASN A 34 -7.27 2.45 4.86
C ASN A 34 -7.34 3.53 3.76
N CYS A 35 -6.19 3.75 3.13
CA CYS A 35 -6.11 4.74 2.07
C CYS A 35 -4.95 4.37 1.15
N VAL A 36 -5.27 4.24 -0.13
CA VAL A 36 -4.26 3.89 -1.12
C VAL A 36 -4.13 5.02 -2.13
N PRO A 37 -2.86 5.25 -2.58
CA PRO A 37 -2.58 6.31 -3.54
C PRO A 37 -3.03 5.90 -4.95
N PRO A 38 -3.33 6.93 -5.77
CA PRO A 38 -3.78 6.69 -7.14
C PRO A 38 -2.60 6.27 -8.03
N GLY A 39 -2.93 5.47 -9.03
CA GLY A 39 -1.92 4.98 -9.96
C GLY A 39 -0.61 4.69 -9.23
N THR A 40 0.46 5.27 -9.74
CA THR A 40 1.78 5.07 -9.15
C THR A 40 2.67 6.28 -9.43
N TYR A 41 3.00 7.00 -8.36
CA TYR A 41 3.84 8.17 -8.48
C TYR A 41 3.97 8.89 -7.13
N GLY A 42 4.48 10.11 -7.19
CA GLY A 42 4.65 10.91 -5.99
C GLY A 42 3.33 11.07 -5.24
N ASN A 43 2.25 10.76 -5.93
CA ASN A 43 0.93 10.86 -5.35
C ASN A 43 0.98 10.39 -3.89
N GLU A 44 1.88 9.45 -3.64
CA GLU A 44 2.04 8.91 -2.30
C GLU A 44 1.89 10.01 -1.25
N ASP A 45 2.62 11.11 -1.50
CA ASP A 45 2.58 12.23 -0.59
C ASP A 45 1.13 12.46 -0.11
N SER A 46 0.22 12.47 -1.07
CA SER A 46 -1.19 12.67 -0.78
C SER A 46 -1.57 11.88 0.48
N CYS A 47 -1.23 10.60 0.47
CA CYS A 47 -1.52 9.74 1.59
C CYS A 47 -0.20 9.22 2.16
N PRO A 48 0.36 10.02 3.11
CA PRO A 48 1.62 9.65 3.74
C PRO A 48 1.42 8.52 4.75
N CYS A 49 0.19 8.40 5.21
CA CYS A 49 -0.16 7.38 6.19
C CYS A 49 0.31 6.03 5.64
N TYR A 50 0.41 5.96 4.32
CA TYR A 50 0.85 4.74 3.67
C TYR A 50 2.17 4.94 2.93
N ALA A 51 2.52 6.20 2.76
CA ALA A 51 3.76 6.55 2.09
C ALA A 51 4.95 6.28 3.02
N ASN A 52 4.79 6.74 4.25
CA ASN A 52 5.84 6.55 5.25
C ASN A 52 5.55 5.28 6.05
N LEU A 53 4.83 4.38 5.41
CA LEU A 53 4.48 3.12 6.05
C LEU A 53 5.70 2.19 6.05
N LYS A 54 6.36 2.15 7.19
CA LYS A 54 7.54 1.30 7.33
C LYS A 54 7.57 0.71 8.74
N ASN A 55 8.59 -0.11 8.98
CA ASN A 55 8.74 -0.74 10.28
C ASN A 55 9.66 0.12 11.16
N SER A 56 9.98 -0.42 12.33
CA SER A 56 10.84 0.28 13.26
C SER A 56 12.29 0.28 12.74
N LYS A 57 12.64 -0.79 12.07
CA LYS A 57 13.98 -0.92 11.52
C LYS A 57 14.23 0.20 10.51
N GLY A 58 13.13 0.79 10.04
CA GLY A 58 13.22 1.87 9.08
C GLY A 58 13.17 1.32 7.65
N GLY A 59 12.76 0.08 7.53
CA GLY A 59 12.67 -0.57 6.22
C GLY A 59 11.23 -0.60 5.72
N HIS A 60 11.05 -0.09 4.50
CA HIS A 60 9.73 -0.05 3.89
C HIS A 60 9.12 -1.46 3.90
N LYS A 61 8.40 -1.76 4.98
CA LYS A 61 7.77 -3.06 5.11
C LYS A 61 6.53 -3.12 4.22
N CYS A 62 6.06 -1.93 3.84
CA CYS A 62 4.88 -1.83 3.00
C CYS A 62 5.33 -1.82 1.54
N PRO A 63 4.43 -2.31 0.65
CA PRO A 63 4.73 -2.37 -0.77
C PRO A 63 4.65 -0.98 -1.40
N ALA A 1 -16.83 1.03 8.22
CA ALA A 1 -16.69 0.61 6.83
C ALA A 1 -15.23 0.71 6.40
N HIS A 2 -14.74 -0.40 5.86
CA HIS A 2 -13.36 -0.45 5.40
C HIS A 2 -13.30 -0.18 3.90
N ILE A 3 -12.41 0.72 3.53
CA ILE A 3 -12.24 1.08 2.13
C ILE A 3 -11.75 -0.13 1.35
N ASP A 4 -11.42 0.11 0.09
CA ASP A 4 -10.94 -0.95 -0.77
C ASP A 4 -9.42 -0.80 -0.96
N CYS A 5 -8.68 -1.44 -0.06
CA CYS A 5 -7.24 -1.39 -0.11
C CYS A 5 -6.74 -2.53 -1.01
N ASP A 6 -7.53 -3.59 -1.03
CA ASP A 6 -7.19 -4.75 -1.85
C ASP A 6 -7.42 -4.42 -3.33
N LYS A 7 -8.63 -3.94 -3.61
CA LYS A 7 -8.98 -3.59 -4.97
C LYS A 7 -8.00 -2.55 -5.49
N GLU A 8 -7.57 -1.68 -4.60
CA GLU A 8 -6.62 -0.63 -4.96
C GLU A 8 -5.25 -1.22 -5.22
N CYS A 9 -4.77 -1.99 -4.26
CA CYS A 9 -3.46 -2.62 -4.38
C CYS A 9 -3.51 -3.61 -5.56
N ASN A 10 -4.73 -4.02 -5.89
CA ASN A 10 -4.93 -4.95 -6.99
C ASN A 10 -4.60 -4.24 -8.31
N ARG A 11 -4.55 -2.93 -8.24
CA ARG A 11 -4.25 -2.13 -9.42
C ARG A 11 -2.76 -1.78 -9.47
N ARG A 12 -2.25 -1.35 -8.33
CA ARG A 12 -0.84 -0.99 -8.23
C ARG A 12 0.04 -2.23 -8.42
N CYS A 13 -0.43 -3.34 -7.85
CA CYS A 13 0.31 -4.58 -7.95
C CYS A 13 -0.50 -5.55 -8.82
N SER A 14 -1.34 -4.96 -9.67
CA SER A 14 -2.16 -5.75 -10.57
C SER A 14 -1.28 -6.70 -11.38
N LYS A 15 -0.08 -6.24 -11.68
CA LYS A 15 0.86 -7.05 -12.45
C LYS A 15 2.20 -7.12 -11.70
N ALA A 16 2.10 -7.13 -10.38
CA ALA A 16 3.29 -7.20 -9.55
C ALA A 16 3.67 -8.67 -9.31
N SER A 17 4.93 -8.96 -9.56
CA SER A 17 5.43 -10.32 -9.38
C SER A 17 4.90 -10.90 -8.07
N ALA A 18 4.78 -10.04 -7.07
CA ALA A 18 4.29 -10.45 -5.77
C ALA A 18 2.84 -10.00 -5.61
N HIS A 19 2.00 -10.41 -6.55
CA HIS A 19 0.60 -10.04 -6.53
C HIS A 19 -0.03 -10.50 -5.20
N ASP A 20 0.63 -11.47 -4.58
CA ASP A 20 0.16 -12.01 -3.32
C ASP A 20 0.85 -11.29 -2.17
N ARG A 21 2.17 -11.48 -2.11
CA ARG A 21 2.96 -10.86 -1.07
C ARG A 21 2.70 -9.35 -1.01
N CYS A 22 2.18 -8.84 -2.13
CA CYS A 22 1.88 -7.42 -2.22
C CYS A 22 0.46 -7.20 -1.67
N LEU A 23 -0.51 -7.70 -2.40
CA LEU A 23 -1.91 -7.56 -2.00
C LEU A 23 -2.05 -7.97 -0.53
N LYS A 24 -1.71 -9.22 -0.26
CA LYS A 24 -1.79 -9.75 1.09
C LYS A 24 -1.31 -8.68 2.08
N TYR A 25 -0.01 -8.40 2.02
CA TYR A 25 0.58 -7.41 2.88
C TYR A 25 -0.26 -6.13 2.93
N CYS A 26 -0.91 -5.86 1.82
CA CYS A 26 -1.76 -4.68 1.71
C CYS A 26 -2.95 -4.85 2.66
N GLY A 27 -3.61 -6.00 2.53
CA GLY A 27 -4.75 -6.31 3.36
C GLY A 27 -4.54 -5.83 4.80
N ILE A 28 -3.36 -6.15 5.32
CA ILE A 28 -3.02 -5.76 6.67
C ILE A 28 -2.64 -4.27 6.69
N CYS A 29 -1.80 -3.90 5.75
CA CYS A 29 -1.35 -2.52 5.65
C CYS A 29 -2.58 -1.61 5.69
N CYS A 30 -3.72 -2.18 5.30
CA CYS A 30 -4.96 -1.44 5.29
C CYS A 30 -5.36 -1.16 6.74
N GLU A 31 -5.36 -2.22 7.53
CA GLU A 31 -5.73 -2.10 8.94
C GLU A 31 -4.88 -1.02 9.61
N LYS A 32 -3.75 -0.72 8.99
CA LYS A 32 -2.85 0.30 9.51
C LYS A 32 -3.16 1.64 8.87
N CYS A 33 -3.44 1.59 7.57
CA CYS A 33 -3.76 2.80 6.82
C CYS A 33 -4.82 2.45 5.78
N ASN A 34 -6.00 3.03 5.97
CA ASN A 34 -7.11 2.79 5.06
C ASN A 34 -7.11 3.87 3.98
N CYS A 35 -6.05 3.89 3.21
CA CYS A 35 -5.92 4.88 2.14
C CYS A 35 -4.74 4.47 1.25
N VAL A 36 -5.02 4.33 -0.03
CA VAL A 36 -3.98 3.96 -0.98
C VAL A 36 -3.83 5.07 -2.04
N PRO A 37 -2.56 5.30 -2.45
CA PRO A 37 -2.26 6.32 -3.43
C PRO A 37 -2.68 5.86 -4.83
N PRO A 38 -2.97 6.87 -5.70
CA PRO A 38 -3.37 6.58 -7.07
C PRO A 38 -2.18 6.16 -7.92
N GLY A 39 -2.47 5.33 -8.91
CA GLY A 39 -1.43 4.84 -9.81
C GLY A 39 -0.14 4.55 -9.04
N THR A 40 0.94 5.15 -9.53
CA THR A 40 2.24 4.97 -8.90
C THR A 40 3.13 6.18 -9.17
N TYR A 41 3.42 6.91 -8.11
CA TYR A 41 4.26 8.09 -8.21
C TYR A 41 4.34 8.83 -6.88
N GLY A 42 4.85 10.06 -6.95
CA GLY A 42 4.98 10.88 -5.76
C GLY A 42 3.64 11.05 -5.05
N ASN A 43 2.57 10.72 -5.78
CA ASN A 43 1.23 10.85 -5.24
C ASN A 43 1.24 10.41 -3.77
N GLU A 44 2.12 9.47 -3.47
CA GLU A 44 2.24 8.96 -2.12
C GLU A 44 2.06 10.11 -1.10
N ASP A 45 2.78 11.19 -1.34
CA ASP A 45 2.71 12.34 -0.46
C ASP A 45 1.25 12.56 -0.05
N SER A 46 0.37 12.55 -1.04
CA SER A 46 -1.04 12.76 -0.79
C SER A 46 -1.47 11.99 0.45
N CYS A 47 -1.14 10.70 0.45
CA CYS A 47 -1.48 9.84 1.58
C CYS A 47 -0.18 9.36 2.23
N PRO A 48 0.31 10.17 3.19
CA PRO A 48 1.54 9.84 3.89
C PRO A 48 1.31 8.72 4.91
N CYS A 49 0.05 8.56 5.29
CA CYS A 49 -0.32 7.54 6.26
C CYS A 49 0.42 6.25 5.89
N TYR A 50 0.38 5.93 4.60
CA TYR A 50 1.04 4.73 4.11
C TYR A 50 2.42 5.05 3.53
N ALA A 51 2.52 6.27 3.00
CA ALA A 51 3.78 6.71 2.41
C ALA A 51 4.88 6.65 3.46
N ASN A 52 4.70 7.44 4.51
CA ASN A 52 5.67 7.47 5.59
C ASN A 52 5.82 6.08 6.19
N LEU A 53 4.69 5.41 6.32
CA LEU A 53 4.67 4.06 6.87
C LEU A 53 5.88 3.28 6.35
N LYS A 54 6.80 3.02 7.25
CA LYS A 54 8.01 2.28 6.89
C LYS A 54 8.52 1.53 8.11
N ASN A 55 9.72 0.98 7.97
CA ASN A 55 10.34 0.23 9.05
C ASN A 55 11.38 1.10 9.74
N SER A 56 12.07 0.49 10.70
CA SER A 56 13.10 1.20 11.45
C SER A 56 14.41 1.20 10.64
N LYS A 57 14.41 0.42 9.57
CA LYS A 57 15.59 0.33 8.72
C LYS A 57 15.46 1.34 7.58
N GLY A 58 14.64 2.35 7.81
CA GLY A 58 14.42 3.38 6.80
C GLY A 58 14.14 2.76 5.43
N GLY A 59 13.24 1.80 5.43
CA GLY A 59 12.88 1.12 4.20
C GLY A 59 11.38 0.78 4.18
N HIS A 60 10.78 0.94 3.01
CA HIS A 60 9.37 0.65 2.86
C HIS A 60 9.07 -0.76 3.37
N LYS A 61 8.45 -0.83 4.53
CA LYS A 61 8.10 -2.10 5.14
C LYS A 61 6.96 -2.75 4.35
N CYS A 62 6.07 -1.89 3.86
CA CYS A 62 4.92 -2.35 3.09
C CYS A 62 5.26 -2.22 1.60
N PRO A 63 4.44 -2.91 0.77
CA PRO A 63 4.64 -2.87 -0.67
C PRO A 63 4.17 -1.54 -1.26
N ALA A 1 -16.13 3.55 7.12
CA ALA A 1 -16.09 2.16 6.70
C ALA A 1 -14.74 1.87 6.02
N HIS A 2 -14.21 0.70 6.31
CA HIS A 2 -12.94 0.28 5.73
C HIS A 2 -12.96 0.52 4.22
N ILE A 3 -11.78 0.78 3.68
CA ILE A 3 -11.65 1.02 2.26
C ILE A 3 -11.13 -0.24 1.57
N ASP A 4 -11.36 -0.32 0.27
CA ASP A 4 -10.91 -1.46 -0.51
C ASP A 4 -9.43 -1.29 -0.86
N CYS A 5 -8.58 -1.72 0.05
CA CYS A 5 -7.15 -1.61 -0.16
C CYS A 5 -6.71 -2.77 -1.06
N ASP A 6 -7.53 -3.82 -1.08
CA ASP A 6 -7.23 -4.98 -1.89
C ASP A 6 -7.67 -4.72 -3.33
N LYS A 7 -8.88 -4.19 -3.46
CA LYS A 7 -9.42 -3.88 -4.77
C LYS A 7 -8.61 -2.74 -5.41
N GLU A 8 -8.02 -1.94 -4.54
CA GLU A 8 -7.22 -0.81 -5.00
C GLU A 8 -5.78 -1.27 -5.29
N CYS A 9 -5.21 -1.95 -4.31
CA CYS A 9 -3.85 -2.45 -4.44
C CYS A 9 -3.82 -3.47 -5.58
N ASN A 10 -4.99 -4.00 -5.89
CA ASN A 10 -5.12 -4.98 -6.96
C ASN A 10 -4.87 -4.30 -8.31
N ARG A 11 -4.79 -2.98 -8.25
CA ARG A 11 -4.56 -2.20 -9.46
C ARG A 11 -3.08 -1.84 -9.59
N ARG A 12 -2.51 -1.40 -8.48
CA ARG A 12 -1.11 -1.02 -8.46
C ARG A 12 -0.23 -2.25 -8.69
N CYS A 13 -0.58 -3.33 -8.00
CA CYS A 13 0.16 -4.58 -8.12
C CYS A 13 -0.68 -5.56 -8.94
N SER A 14 -1.60 -5.00 -9.71
CA SER A 14 -2.46 -5.82 -10.55
C SER A 14 -1.62 -6.81 -11.36
N LYS A 15 -0.44 -6.36 -11.75
CA LYS A 15 0.46 -7.19 -12.53
C LYS A 15 1.85 -7.15 -11.91
N ALA A 16 1.87 -7.03 -10.59
CA ALA A 16 3.13 -6.98 -9.86
C ALA A 16 3.64 -8.40 -9.61
N SER A 17 4.92 -8.60 -9.89
CA SER A 17 5.52 -9.91 -9.70
C SER A 17 5.01 -10.54 -8.41
N ALA A 18 4.69 -9.68 -7.46
CA ALA A 18 4.18 -10.14 -6.17
C ALA A 18 2.68 -9.82 -6.07
N HIS A 19 1.92 -10.40 -6.99
CA HIS A 19 0.49 -10.18 -7.01
C HIS A 19 -0.09 -10.47 -5.63
N ASP A 20 0.56 -11.39 -4.92
CA ASP A 20 0.12 -11.76 -3.59
C ASP A 20 0.96 -11.03 -2.55
N ARG A 21 2.23 -11.41 -2.49
CA ARG A 21 3.15 -10.80 -1.55
C ARG A 21 2.88 -9.29 -1.44
N CYS A 22 2.39 -8.72 -2.54
CA CYS A 22 2.10 -7.31 -2.58
C CYS A 22 0.74 -7.08 -1.89
N LEU A 23 -0.31 -7.49 -2.58
CA LEU A 23 -1.65 -7.35 -2.05
C LEU A 23 -1.65 -7.69 -0.56
N LYS A 24 -1.27 -8.92 -0.27
CA LYS A 24 -1.22 -9.38 1.11
C LYS A 24 -0.62 -8.29 1.98
N TYR A 25 0.62 -7.93 1.68
CA TYR A 25 1.31 -6.90 2.43
C TYR A 25 0.50 -5.61 2.48
N CYS A 26 -0.29 -5.41 1.43
CA CYS A 26 -1.12 -4.22 1.34
C CYS A 26 -2.23 -4.33 2.38
N GLY A 27 -2.82 -5.52 2.45
CA GLY A 27 -3.89 -5.76 3.41
C GLY A 27 -3.45 -5.37 4.83
N ILE A 28 -2.17 -5.54 5.09
CA ILE A 28 -1.62 -5.21 6.40
C ILE A 28 -1.50 -3.70 6.53
N CYS A 29 -0.68 -3.13 5.67
CA CYS A 29 -0.47 -1.68 5.68
C CYS A 29 -1.83 -1.00 5.64
N CYS A 30 -2.80 -1.72 5.09
CA CYS A 30 -4.15 -1.20 4.98
C CYS A 30 -4.70 -0.97 6.40
N GLU A 31 -4.49 -1.97 7.24
CA GLU A 31 -4.95 -1.88 8.62
C GLU A 31 -4.20 -0.78 9.36
N LYS A 32 -2.98 -0.55 8.93
CA LYS A 32 -2.15 0.49 9.55
C LYS A 32 -2.71 1.86 9.19
N CYS A 33 -3.07 2.01 7.92
CA CYS A 33 -3.61 3.27 7.45
C CYS A 33 -4.34 3.02 6.13
N ASN A 34 -5.65 3.21 6.17
CA ASN A 34 -6.48 2.99 4.99
C ASN A 34 -6.16 4.07 3.95
N CYS A 35 -5.06 3.86 3.24
CA CYS A 35 -4.63 4.80 2.22
C CYS A 35 -4.09 3.99 1.03
N VAL A 36 -4.56 4.36 -0.15
CA VAL A 36 -4.14 3.68 -1.37
C VAL A 36 -3.89 4.73 -2.46
N PRO A 37 -2.59 5.09 -2.62
CA PRO A 37 -2.22 6.08 -3.62
C PRO A 37 -2.27 5.47 -5.03
N PRO A 38 -2.31 6.38 -6.05
CA PRO A 38 -2.35 5.94 -7.44
C PRO A 38 -0.99 5.43 -7.89
N GLY A 39 -1.02 4.48 -8.81
CA GLY A 39 0.21 3.90 -9.34
C GLY A 39 1.28 3.78 -8.25
N THR A 40 2.45 4.32 -8.54
CA THR A 40 3.55 4.27 -7.60
C THR A 40 4.51 5.43 -7.85
N TYR A 41 4.55 6.35 -6.89
CA TYR A 41 5.43 7.50 -7.00
C TYR A 41 5.21 8.46 -5.82
N GLY A 42 5.75 9.66 -5.96
CA GLY A 42 5.62 10.67 -4.93
C GLY A 42 4.16 10.81 -4.49
N ASN A 43 3.26 10.37 -5.34
CA ASN A 43 1.84 10.44 -5.05
C ASN A 43 1.62 10.14 -3.56
N GLU A 44 2.48 9.29 -3.03
CA GLU A 44 2.39 8.91 -1.63
C GLU A 44 1.98 10.12 -0.78
N ASP A 45 2.68 11.23 -1.00
CA ASP A 45 2.41 12.44 -0.26
C ASP A 45 0.89 12.61 -0.12
N SER A 46 0.20 12.46 -1.24
CA SER A 46 -1.25 12.59 -1.25
C SER A 46 -1.85 11.82 -0.07
N CYS A 47 -1.36 10.60 0.11
CA CYS A 47 -1.85 9.76 1.19
C CYS A 47 -0.66 9.42 2.10
N PRO A 48 -0.42 10.33 3.08
CA PRO A 48 0.67 10.14 4.03
C PRO A 48 0.33 9.07 5.05
N CYS A 49 -0.97 8.83 5.20
CA CYS A 49 -1.44 7.84 6.15
C CYS A 49 -0.69 6.52 5.88
N TYR A 50 -0.40 6.30 4.61
CA TYR A 50 0.30 5.09 4.19
C TYR A 50 1.77 5.40 3.88
N ALA A 51 2.00 6.62 3.45
CA ALA A 51 3.35 7.05 3.12
C ALA A 51 4.22 7.01 4.37
N ASN A 52 3.81 7.77 5.37
CA ASN A 52 4.54 7.82 6.62
C ASN A 52 4.78 6.40 7.13
N LEU A 53 3.79 5.56 6.91
CA LEU A 53 3.87 4.17 7.34
C LEU A 53 5.25 3.62 6.97
N LYS A 54 5.86 2.94 7.93
CA LYS A 54 7.17 2.34 7.73
C LYS A 54 7.30 1.10 8.60
N ASN A 55 8.52 0.59 8.67
CA ASN A 55 8.81 -0.60 9.46
C ASN A 55 9.74 -0.22 10.61
N SER A 56 10.16 -1.24 11.35
CA SER A 56 11.05 -1.04 12.48
C SER A 56 12.44 -0.66 11.99
N LYS A 57 12.63 -0.81 10.68
CA LYS A 57 13.91 -0.49 10.07
C LYS A 57 13.90 0.98 9.62
N GLY A 58 12.71 1.54 9.56
CA GLY A 58 12.55 2.92 9.14
C GLY A 58 12.46 3.04 7.62
N GLY A 59 12.01 1.96 7.00
CA GLY A 59 11.87 1.93 5.56
C GLY A 59 10.42 1.65 5.15
N HIS A 60 10.18 1.68 3.85
CA HIS A 60 8.85 1.44 3.32
C HIS A 60 8.46 -0.03 3.58
N LYS A 61 7.79 -0.24 4.69
CA LYS A 61 7.35 -1.57 5.06
C LYS A 61 6.30 -2.06 4.05
N CYS A 62 5.66 -1.09 3.40
CA CYS A 62 4.65 -1.40 2.42
C CYS A 62 5.32 -1.58 1.06
N PRO A 63 4.69 -2.42 0.21
CA PRO A 63 5.22 -2.69 -1.12
C PRO A 63 4.97 -1.50 -2.05
N ALA A 1 -15.39 3.17 8.44
CA ALA A 1 -15.54 2.17 7.40
C ALA A 1 -14.21 2.00 6.66
N HIS A 2 -13.69 0.79 6.73
CA HIS A 2 -12.42 0.47 6.08
C HIS A 2 -12.64 0.37 4.57
N ILE A 3 -11.75 1.02 3.84
CA ILE A 3 -11.83 1.01 2.38
C ILE A 3 -11.27 -0.31 1.86
N ASP A 4 -11.23 -0.41 0.54
CA ASP A 4 -10.73 -1.61 -0.10
C ASP A 4 -9.31 -1.36 -0.62
N CYS A 5 -8.34 -1.68 0.22
CA CYS A 5 -6.94 -1.48 -0.14
C CYS A 5 -6.51 -2.65 -1.03
N ASP A 6 -7.25 -3.75 -0.93
CA ASP A 6 -6.95 -4.93 -1.71
C ASP A 6 -7.42 -4.70 -3.16
N LYS A 7 -8.57 -4.07 -3.28
CA LYS A 7 -9.13 -3.79 -4.59
C LYS A 7 -8.32 -2.68 -5.26
N GLU A 8 -7.82 -1.76 -4.43
CA GLU A 8 -7.04 -0.65 -4.93
C GLU A 8 -5.62 -1.12 -5.25
N CYS A 9 -5.09 -1.97 -4.39
CA CYS A 9 -3.75 -2.50 -4.57
C CYS A 9 -3.80 -3.55 -5.68
N ASN A 10 -4.98 -4.13 -5.86
CA ASN A 10 -5.17 -5.15 -6.88
C ASN A 10 -4.89 -4.55 -8.25
N ARG A 11 -4.88 -3.22 -8.29
CA ARG A 11 -4.62 -2.50 -9.53
C ARG A 11 -3.15 -2.10 -9.62
N ARG A 12 -2.65 -1.58 -8.51
CA ARG A 12 -1.26 -1.15 -8.46
C ARG A 12 -0.32 -2.31 -8.77
N CYS A 13 -0.65 -3.45 -8.17
CA CYS A 13 0.15 -4.65 -8.37
C CYS A 13 -0.71 -5.70 -9.09
N SER A 14 -1.61 -5.19 -9.92
CA SER A 14 -2.50 -6.06 -10.69
C SER A 14 -1.68 -7.05 -11.51
N LYS A 15 -0.53 -6.58 -11.98
CA LYS A 15 0.34 -7.41 -12.78
C LYS A 15 1.78 -7.29 -12.26
N ALA A 16 1.88 -7.19 -10.94
CA ALA A 16 3.18 -7.07 -10.30
C ALA A 16 3.73 -8.47 -10.00
N SER A 17 5.00 -8.64 -10.31
CA SER A 17 5.66 -9.92 -10.07
C SER A 17 5.22 -10.50 -8.73
N ALA A 18 4.96 -9.60 -7.79
CA ALA A 18 4.54 -10.00 -6.46
C ALA A 18 3.04 -9.70 -6.29
N HIS A 19 2.25 -10.34 -7.13
CA HIS A 19 0.80 -10.15 -7.09
C HIS A 19 0.30 -10.37 -5.67
N ASP A 20 1.00 -11.25 -4.95
CA ASP A 20 0.64 -11.55 -3.58
C ASP A 20 1.54 -10.77 -2.63
N ARG A 21 2.81 -11.12 -2.64
CA ARG A 21 3.78 -10.45 -1.79
C ARG A 21 3.49 -8.95 -1.73
N CYS A 22 2.93 -8.45 -2.82
CA CYS A 22 2.60 -7.03 -2.90
C CYS A 22 1.28 -6.81 -2.15
N LEU A 23 0.21 -7.27 -2.76
CA LEU A 23 -1.11 -7.13 -2.15
C LEU A 23 -1.02 -7.43 -0.65
N LYS A 24 -0.63 -8.66 -0.36
CA LYS A 24 -0.51 -9.08 1.03
C LYS A 24 0.12 -7.95 1.85
N TYR A 25 1.34 -7.61 1.47
CA TYR A 25 2.06 -6.55 2.17
C TYR A 25 1.20 -5.29 2.28
N CYS A 26 0.39 -5.07 1.27
CA CYS A 26 -0.49 -3.92 1.24
C CYS A 26 -1.65 -4.16 2.22
N GLY A 27 -1.97 -5.43 2.39
CA GLY A 27 -3.06 -5.81 3.29
C GLY A 27 -2.76 -5.35 4.72
N ILE A 28 -1.48 -5.22 5.02
CA ILE A 28 -1.07 -4.78 6.33
C ILE A 28 -1.01 -3.25 6.36
N CYS A 29 -0.32 -2.68 5.39
CA CYS A 29 -0.19 -1.24 5.30
C CYS A 29 -1.58 -0.62 5.31
N CYS A 30 -2.56 -1.45 4.96
CA CYS A 30 -3.94 -1.01 4.93
C CYS A 30 -4.41 -0.78 6.37
N GLU A 31 -3.98 -1.69 7.24
CA GLU A 31 -4.35 -1.61 8.64
C GLU A 31 -3.83 -0.30 9.25
N LYS A 32 -2.64 0.09 8.80
CA LYS A 32 -2.03 1.32 9.28
C LYS A 32 -2.91 2.51 8.91
N CYS A 33 -3.29 2.54 7.64
CA CYS A 33 -4.14 3.62 7.14
C CYS A 33 -4.90 3.10 5.92
N ASN A 34 -6.22 3.02 6.08
CA ASN A 34 -7.07 2.54 5.01
C ASN A 34 -7.16 3.62 3.92
N CYS A 35 -6.08 3.75 3.17
CA CYS A 35 -6.03 4.74 2.10
C CYS A 35 -4.91 4.35 1.14
N VAL A 36 -5.28 4.21 -0.12
CA VAL A 36 -4.31 3.84 -1.15
C VAL A 36 -4.23 4.96 -2.18
N PRO A 37 -2.98 5.18 -2.68
CA PRO A 37 -2.74 6.21 -3.67
C PRO A 37 -3.25 5.78 -5.05
N PRO A 38 -3.60 6.80 -5.88
CA PRO A 38 -4.10 6.53 -7.22
C PRO A 38 -2.96 6.11 -8.16
N GLY A 39 -3.33 5.29 -9.14
CA GLY A 39 -2.35 4.81 -10.11
C GLY A 39 -1.01 4.54 -9.43
N THR A 40 0.03 5.13 -9.99
CA THR A 40 1.38 4.96 -9.46
C THR A 40 2.24 6.18 -9.79
N TYR A 41 2.60 6.91 -8.74
CA TYR A 41 3.43 8.10 -8.91
C TYR A 41 3.60 8.83 -7.57
N GLY A 42 4.09 10.05 -7.67
CA GLY A 42 4.31 10.87 -6.49
C GLY A 42 3.02 11.02 -5.68
N ASN A 43 1.91 10.69 -6.32
CA ASN A 43 0.62 10.79 -5.68
C ASN A 43 0.74 10.32 -4.23
N GLU A 44 1.67 9.40 -4.01
CA GLU A 44 1.89 8.88 -2.67
C GLU A 44 1.76 9.99 -1.63
N ASP A 45 2.45 11.09 -1.92
CA ASP A 45 2.42 12.23 -1.01
C ASP A 45 1.00 12.42 -0.47
N SER A 46 0.04 12.41 -1.39
CA SER A 46 -1.36 12.58 -1.03
C SER A 46 -1.65 11.80 0.25
N CYS A 47 -1.24 10.53 0.25
CA CYS A 47 -1.46 9.67 1.40
C CYS A 47 -0.10 9.21 1.91
N PRO A 48 0.48 10.03 2.83
CA PRO A 48 1.78 9.73 3.42
C PRO A 48 1.66 8.61 4.45
N CYS A 49 0.46 8.48 5.00
CA CYS A 49 0.20 7.45 6.01
C CYS A 49 0.65 6.11 5.44
N TYR A 50 0.70 6.05 4.11
CA TYR A 50 1.11 4.82 3.43
C TYR A 50 2.48 5.01 2.76
N ALA A 51 2.82 6.26 2.52
CA ALA A 51 4.09 6.58 1.89
C ALA A 51 5.22 6.40 2.91
N ASN A 52 5.10 7.14 4.01
CA ASN A 52 6.11 7.08 5.05
C ASN A 52 5.99 5.74 5.78
N LEU A 53 4.89 5.05 5.52
CA LEU A 53 4.65 3.76 6.14
C LEU A 53 5.95 2.97 6.18
N LYS A 54 6.38 2.67 7.40
CA LYS A 54 7.62 1.92 7.60
C LYS A 54 7.50 1.09 8.88
N ASN A 55 8.51 0.26 9.10
CA ASN A 55 8.54 -0.59 10.28
C ASN A 55 9.43 0.06 11.35
N SER A 56 9.54 -0.63 12.47
CA SER A 56 10.35 -0.13 13.57
C SER A 56 11.83 -0.39 13.29
N LYS A 57 12.07 -1.20 12.27
CA LYS A 57 13.43 -1.54 11.89
C LYS A 57 13.91 -0.54 10.82
N GLY A 58 13.20 0.56 10.72
CA GLY A 58 13.54 1.59 9.75
C GLY A 58 13.75 0.99 8.37
N GLY A 59 12.78 0.17 7.96
CA GLY A 59 12.83 -0.47 6.66
C GLY A 59 11.58 -0.18 5.85
N HIS A 60 11.39 -0.96 4.79
CA HIS A 60 10.24 -0.80 3.93
C HIS A 60 9.20 -1.88 4.25
N LYS A 61 8.41 -1.60 5.27
CA LYS A 61 7.38 -2.55 5.68
C LYS A 61 6.34 -2.69 4.56
N CYS A 62 6.22 -1.62 3.78
CA CYS A 62 5.27 -1.62 2.68
C CYS A 62 5.94 -2.28 1.47
N PRO A 63 5.08 -2.78 0.55
CA PRO A 63 5.57 -3.44 -0.66
C PRO A 63 6.10 -2.42 -1.67
N ALA A 1 -16.72 2.47 7.15
CA ALA A 1 -16.32 1.11 6.80
C ALA A 1 -14.89 1.13 6.26
N HIS A 2 -14.23 -0.01 6.39
CA HIS A 2 -12.85 -0.14 5.92
C HIS A 2 -12.81 0.09 4.42
N ILE A 3 -12.02 1.07 4.02
CA ILE A 3 -11.87 1.40 2.61
C ILE A 3 -11.49 0.14 1.84
N ASP A 4 -11.20 0.34 0.56
CA ASP A 4 -10.81 -0.77 -0.30
C ASP A 4 -9.30 -0.72 -0.55
N CYS A 5 -8.57 -1.42 0.31
CA CYS A 5 -7.12 -1.48 0.20
C CYS A 5 -6.75 -2.61 -0.76
N ASP A 6 -7.54 -3.68 -0.68
CA ASP A 6 -7.29 -4.84 -1.53
C ASP A 6 -7.96 -4.61 -2.89
N LYS A 7 -9.16 -4.05 -2.85
CA LYS A 7 -9.90 -3.78 -4.07
C LYS A 7 -9.15 -2.72 -4.89
N GLU A 8 -8.27 -2.01 -4.20
CA GLU A 8 -7.49 -0.96 -4.85
C GLU A 8 -6.09 -1.48 -5.18
N CYS A 9 -5.48 -2.13 -4.19
CA CYS A 9 -4.15 -2.67 -4.36
C CYS A 9 -4.18 -3.66 -5.53
N ASN A 10 -5.28 -4.39 -5.61
CA ASN A 10 -5.44 -5.38 -6.67
C ASN A 10 -5.09 -4.75 -8.02
N ARG A 11 -5.20 -3.42 -8.06
CA ARG A 11 -4.90 -2.69 -9.27
C ARG A 11 -3.50 -2.06 -9.18
N ARG A 12 -3.15 -1.69 -7.95
CA ARG A 12 -1.86 -1.07 -7.71
C ARG A 12 -0.73 -2.03 -8.11
N CYS A 13 -0.94 -3.30 -7.79
CA CYS A 13 0.05 -4.32 -8.11
C CYS A 13 -0.62 -5.40 -8.97
N SER A 14 -1.51 -4.93 -9.85
CA SER A 14 -2.23 -5.84 -10.72
C SER A 14 -1.24 -6.59 -11.63
N LYS A 15 -0.16 -5.90 -11.96
CA LYS A 15 0.87 -6.48 -12.82
C LYS A 15 2.23 -6.33 -12.14
N ALA A 16 2.23 -6.50 -10.83
CA ALA A 16 3.46 -6.39 -10.06
C ALA A 16 4.08 -7.78 -9.90
N SER A 17 5.36 -7.86 -10.22
CA SER A 17 6.09 -9.11 -10.11
C SER A 17 5.66 -9.85 -8.84
N ALA A 18 5.36 -9.08 -7.81
CA ALA A 18 4.93 -9.65 -6.55
C ALA A 18 3.46 -9.31 -6.30
N HIS A 19 2.63 -9.79 -7.21
CA HIS A 19 1.19 -9.53 -7.12
C HIS A 19 0.68 -10.06 -5.78
N ASP A 20 1.47 -10.92 -5.16
CA ASP A 20 1.11 -11.50 -3.88
C ASP A 20 1.84 -10.75 -2.76
N ARG A 21 3.15 -10.92 -2.74
CA ARG A 21 3.97 -10.27 -1.73
C ARG A 21 3.61 -8.78 -1.63
N CYS A 22 3.05 -8.27 -2.72
CA CYS A 22 2.67 -6.88 -2.77
C CYS A 22 1.32 -6.72 -2.07
N LEU A 23 0.29 -7.26 -2.72
CA LEU A 23 -1.05 -7.21 -2.17
C LEU A 23 -1.03 -7.63 -0.70
N LYS A 24 -0.61 -8.88 -0.49
CA LYS A 24 -0.54 -9.42 0.85
C LYS A 24 0.01 -8.35 1.80
N TYR A 25 1.18 -7.83 1.45
CA TYR A 25 1.81 -6.80 2.26
C TYR A 25 0.90 -5.59 2.41
N CYS A 26 0.19 -5.27 1.34
CA CYS A 26 -0.73 -4.15 1.34
C CYS A 26 -1.84 -4.43 2.36
N GLY A 27 -2.22 -5.70 2.42
CA GLY A 27 -3.28 -6.12 3.34
C GLY A 27 -2.93 -5.75 4.78
N ILE A 28 -1.65 -5.49 5.00
CA ILE A 28 -1.17 -5.13 6.32
C ILE A 28 -0.99 -3.60 6.40
N CYS A 29 -0.19 -3.10 5.47
CA CYS A 29 0.07 -1.67 5.42
C CYS A 29 -1.24 -0.92 5.62
N CYS A 30 -2.30 -1.48 5.03
CA CYS A 30 -3.62 -0.89 5.15
C CYS A 30 -3.92 -0.65 6.63
N GLU A 31 -3.75 -1.70 7.41
CA GLU A 31 -4.00 -1.63 8.83
C GLU A 31 -3.29 -0.41 9.44
N LYS A 32 -2.08 -0.18 8.96
CA LYS A 32 -1.29 0.94 9.44
C LYS A 32 -1.96 2.25 9.00
N CYS A 33 -2.42 2.25 7.76
CA CYS A 33 -3.08 3.43 7.20
C CYS A 33 -4.01 2.98 6.08
N ASN A 34 -5.30 3.15 6.31
CA ASN A 34 -6.29 2.78 5.34
C ASN A 34 -6.38 3.86 4.25
N CYS A 35 -5.34 3.90 3.43
CA CYS A 35 -5.29 4.88 2.35
C CYS A 35 -4.22 4.43 1.35
N VAL A 36 -4.64 4.31 0.10
CA VAL A 36 -3.73 3.89 -0.95
C VAL A 36 -3.69 4.97 -2.04
N PRO A 37 -2.48 5.17 -2.61
CA PRO A 37 -2.30 6.16 -3.66
C PRO A 37 -2.87 5.66 -4.99
N PRO A 38 -3.27 6.64 -5.84
CA PRO A 38 -3.84 6.32 -7.14
C PRO A 38 -2.74 5.86 -8.11
N GLY A 39 -3.15 5.01 -9.05
CA GLY A 39 -2.23 4.50 -10.04
C GLY A 39 -0.85 4.24 -9.43
N THR A 40 0.16 4.82 -10.06
CA THR A 40 1.53 4.66 -9.59
C THR A 40 2.38 5.86 -10.01
N TYR A 41 2.80 6.63 -9.01
CA TYR A 41 3.61 7.81 -9.26
C TYR A 41 3.85 8.59 -7.97
N GLY A 42 4.34 9.81 -8.15
CA GLY A 42 4.62 10.67 -7.00
C GLY A 42 3.37 10.84 -6.12
N ASN A 43 2.24 10.49 -6.70
CA ASN A 43 0.98 10.62 -6.00
C ASN A 43 1.17 10.20 -4.53
N GLU A 44 2.11 9.29 -4.33
CA GLU A 44 2.41 8.80 -3.00
C GLU A 44 2.35 9.95 -1.99
N ASP A 45 3.00 11.05 -2.35
CA ASP A 45 3.02 12.21 -1.48
C ASP A 45 1.64 12.41 -0.86
N SER A 46 0.63 12.38 -1.72
CA SER A 46 -0.74 12.54 -1.27
C SER A 46 -0.95 11.83 0.07
N CYS A 47 -0.53 10.57 0.10
CA CYS A 47 -0.67 9.77 1.31
C CYS A 47 0.73 9.30 1.72
N PRO A 48 1.40 10.13 2.55
CA PRO A 48 2.74 9.80 3.03
C PRO A 48 2.68 8.73 4.11
N CYS A 49 1.52 8.62 4.74
CA CYS A 49 1.33 7.65 5.79
C CYS A 49 1.43 6.25 5.17
N TYR A 50 1.04 6.16 3.90
CA TYR A 50 1.09 4.90 3.18
C TYR A 50 2.36 4.80 2.34
N ALA A 51 2.87 5.95 1.97
CA ALA A 51 4.09 6.00 1.16
C ALA A 51 5.28 5.58 2.02
N ASN A 52 5.44 6.27 3.14
CA ASN A 52 6.53 5.98 4.05
C ASN A 52 6.06 4.98 5.11
N LEU A 53 5.05 4.21 4.74
CA LEU A 53 4.49 3.21 5.63
C LEU A 53 5.59 2.24 6.05
N LYS A 54 6.12 2.46 7.24
CA LYS A 54 7.18 1.61 7.77
C LYS A 54 6.70 0.93 9.04
N ASN A 55 7.49 -0.04 9.50
CA ASN A 55 7.15 -0.76 10.71
C ASN A 55 7.79 -0.06 11.91
N SER A 56 7.65 -0.71 13.07
CA SER A 56 8.22 -0.16 14.29
C SER A 56 9.74 -0.07 14.18
N LYS A 57 10.32 -1.16 13.68
CA LYS A 57 11.77 -1.21 13.52
C LYS A 57 12.22 -0.02 12.67
N GLY A 58 11.31 0.47 11.85
CA GLY A 58 11.61 1.60 10.99
C GLY A 58 12.13 1.13 9.63
N GLY A 59 11.62 -0.02 9.20
CA GLY A 59 12.03 -0.59 7.93
C GLY A 59 10.86 -0.60 6.94
N HIS A 60 11.21 -0.49 5.66
CA HIS A 60 10.20 -0.49 4.61
C HIS A 60 9.40 -1.78 4.67
N LYS A 61 8.35 -1.76 5.48
CA LYS A 61 7.50 -2.91 5.64
C LYS A 61 6.47 -2.94 4.51
N CYS A 62 6.34 -1.80 3.84
CA CYS A 62 5.39 -1.69 2.74
C CYS A 62 6.07 -2.23 1.48
N PRO A 63 5.22 -2.76 0.55
CA PRO A 63 5.72 -3.31 -0.70
C PRO A 63 6.12 -2.19 -1.66
N ALA A 1 -17.03 2.27 7.55
CA ALA A 1 -17.00 1.32 6.45
C ALA A 1 -15.55 1.21 5.92
N HIS A 2 -15.13 -0.03 5.70
CA HIS A 2 -13.79 -0.28 5.21
C HIS A 2 -13.70 0.13 3.73
N ILE A 3 -12.48 0.44 3.31
CA ILE A 3 -12.26 0.84 1.93
C ILE A 3 -11.74 -0.36 1.13
N ASP A 4 -11.34 -0.07 -0.10
CA ASP A 4 -10.83 -1.11 -0.98
C ASP A 4 -9.31 -0.96 -1.09
N CYS A 5 -8.61 -1.71 -0.24
CA CYS A 5 -7.16 -1.66 -0.23
C CYS A 5 -6.65 -2.78 -1.15
N ASP A 6 -7.38 -3.88 -1.15
CA ASP A 6 -7.02 -5.02 -1.98
C ASP A 6 -7.42 -4.75 -3.43
N LYS A 7 -8.66 -4.31 -3.58
CA LYS A 7 -9.18 -4.01 -4.91
C LYS A 7 -8.33 -2.91 -5.55
N GLU A 8 -7.93 -1.96 -4.72
CA GLU A 8 -7.11 -0.86 -5.19
C GLU A 8 -5.68 -1.33 -5.45
N CYS A 9 -5.11 -1.98 -4.44
CA CYS A 9 -3.76 -2.49 -4.55
C CYS A 9 -3.71 -3.52 -5.68
N ASN A 10 -4.88 -4.07 -5.98
CA ASN A 10 -4.98 -5.07 -7.04
C ASN A 10 -4.68 -4.41 -8.38
N ARG A 11 -4.72 -3.08 -8.38
CA ARG A 11 -4.45 -2.33 -9.59
C ARG A 11 -2.99 -1.87 -9.62
N ARG A 12 -2.53 -1.37 -8.48
CA ARG A 12 -1.16 -0.90 -8.36
C ARG A 12 -0.19 -2.06 -8.55
N CYS A 13 -0.55 -3.20 -7.99
CA CYS A 13 0.29 -4.39 -8.08
C CYS A 13 -0.47 -5.44 -8.90
N SER A 14 -1.34 -4.95 -9.78
CA SER A 14 -2.13 -5.83 -10.62
C SER A 14 -1.21 -6.76 -11.41
N LYS A 15 -0.05 -6.23 -11.78
CA LYS A 15 0.93 -6.99 -12.53
C LYS A 15 2.28 -6.91 -11.83
N ALA A 16 2.24 -6.89 -10.51
CA ALA A 16 3.44 -6.82 -9.71
C ALA A 16 3.97 -8.24 -9.46
N SER A 17 5.24 -8.42 -9.75
CA SER A 17 5.88 -9.72 -9.56
C SER A 17 5.38 -10.35 -8.27
N ALA A 18 5.25 -9.52 -7.24
CA ALA A 18 4.79 -9.98 -5.94
C ALA A 18 3.33 -9.57 -5.75
N HIS A 19 2.49 -10.04 -6.64
CA HIS A 19 1.07 -9.73 -6.58
C HIS A 19 0.50 -10.19 -5.24
N ASP A 20 1.26 -11.06 -4.57
CA ASP A 20 0.84 -11.58 -3.29
C ASP A 20 1.56 -10.81 -2.18
N ARG A 21 2.88 -10.94 -2.16
CA ARG A 21 3.69 -10.26 -1.17
C ARG A 21 3.40 -8.76 -1.17
N CYS A 22 2.82 -8.31 -2.27
CA CYS A 22 2.47 -6.90 -2.40
C CYS A 22 1.11 -6.68 -1.77
N LEU A 23 0.09 -7.23 -2.41
CA LEU A 23 -1.27 -7.11 -1.91
C LEU A 23 -1.31 -7.46 -0.42
N LYS A 24 -0.91 -8.69 -0.13
CA LYS A 24 -0.89 -9.16 1.25
C LYS A 24 -0.35 -8.05 2.15
N TYR A 25 0.88 -7.63 1.84
CA TYR A 25 1.51 -6.58 2.62
C TYR A 25 0.65 -5.31 2.66
N CYS A 26 -0.08 -5.10 1.58
CA CYS A 26 -0.94 -3.94 1.48
C CYS A 26 -2.15 -4.16 2.39
N GLY A 27 -2.52 -5.42 2.55
CA GLY A 27 -3.64 -5.78 3.40
C GLY A 27 -3.42 -5.28 4.83
N ILE A 28 -2.22 -5.51 5.32
CA ILE A 28 -1.87 -5.09 6.67
C ILE A 28 -1.68 -3.57 6.70
N CYS A 29 -0.95 -3.08 5.70
CA CYS A 29 -0.68 -1.65 5.60
C CYS A 29 -2.02 -0.91 5.60
N CYS A 30 -3.06 -1.64 5.20
CA CYS A 30 -4.39 -1.07 5.15
C CYS A 30 -4.86 -0.81 6.58
N GLU A 31 -4.53 -1.74 7.46
CA GLU A 31 -4.90 -1.62 8.86
C GLU A 31 -4.27 -0.39 9.48
N LYS A 32 -3.03 -0.12 9.06
CA LYS A 32 -2.30 1.02 9.56
C LYS A 32 -3.04 2.31 9.19
N CYS A 33 -3.40 2.39 7.91
CA CYS A 33 -4.11 3.55 7.40
C CYS A 33 -4.90 3.13 6.16
N ASN A 34 -6.21 3.19 6.30
CA ASN A 34 -7.09 2.82 5.21
C ASN A 34 -7.10 3.94 4.16
N CYS A 35 -6.06 3.95 3.34
CA CYS A 35 -5.94 4.96 2.30
C CYS A 35 -4.81 4.53 1.35
N VAL A 36 -5.15 4.45 0.08
CA VAL A 36 -4.18 4.07 -0.93
C VAL A 36 -4.06 5.18 -1.97
N PRO A 37 -2.79 5.38 -2.45
CA PRO A 37 -2.53 6.40 -3.44
C PRO A 37 -3.02 5.98 -4.82
N PRO A 38 -3.32 7.00 -5.67
CA PRO A 38 -3.81 6.74 -7.02
C PRO A 38 -2.66 6.27 -7.92
N GLY A 39 -3.03 5.47 -8.91
CA GLY A 39 -2.06 4.95 -9.85
C GLY A 39 -0.74 4.63 -9.15
N THR A 40 0.33 5.19 -9.69
CA THR A 40 1.65 4.97 -9.13
C THR A 40 2.57 6.16 -9.45
N TYR A 41 2.94 6.88 -8.39
CA TYR A 41 3.80 8.03 -8.54
C TYR A 41 3.98 8.76 -7.20
N GLY A 42 4.51 9.97 -7.30
CA GLY A 42 4.73 10.78 -6.11
C GLY A 42 3.43 10.98 -5.34
N ASN A 43 2.32 10.69 -6.01
CA ASN A 43 1.01 10.84 -5.40
C ASN A 43 1.07 10.40 -3.95
N GLU A 44 1.96 9.44 -3.68
CA GLU A 44 2.13 8.92 -2.35
C GLU A 44 2.00 10.05 -1.32
N ASP A 45 2.69 11.15 -1.59
CA ASP A 45 2.66 12.30 -0.70
C ASP A 45 1.24 12.50 -0.19
N SER A 46 0.30 12.51 -1.13
CA SER A 46 -1.10 12.69 -0.78
C SER A 46 -1.42 11.93 0.51
N CYS A 47 -1.04 10.67 0.51
CA CYS A 47 -1.28 9.82 1.67
C CYS A 47 0.07 9.29 2.17
N PRO A 48 0.69 10.08 3.09
CA PRO A 48 1.97 9.70 3.66
C PRO A 48 1.81 8.58 4.68
N CYS A 49 0.60 8.48 5.21
CA CYS A 49 0.31 7.46 6.20
C CYS A 49 0.70 6.10 5.62
N TYR A 50 0.75 6.05 4.30
CA TYR A 50 1.12 4.82 3.61
C TYR A 50 2.47 4.96 2.90
N ALA A 51 2.85 6.20 2.67
CA ALA A 51 4.11 6.49 2.00
C ALA A 51 5.26 6.26 2.99
N ASN A 52 5.19 6.94 4.12
CA ASN A 52 6.21 6.82 5.14
C ASN A 52 6.12 5.43 5.78
N LEU A 53 4.98 4.79 5.57
CA LEU A 53 4.76 3.46 6.11
C LEU A 53 6.04 2.63 5.96
N LYS A 54 6.71 2.44 7.07
CA LYS A 54 7.95 1.66 7.08
C LYS A 54 8.07 0.92 8.40
N ASN A 55 9.18 0.20 8.54
CA ASN A 55 9.44 -0.56 9.76
C ASN A 55 10.44 0.19 10.62
N SER A 56 10.86 -0.46 11.69
CA SER A 56 11.82 0.13 12.60
C SER A 56 13.24 -0.02 12.05
N LYS A 57 13.43 -1.06 11.26
CA LYS A 57 14.72 -1.33 10.66
C LYS A 57 15.10 -0.16 9.74
N GLY A 58 14.08 0.59 9.35
CA GLY A 58 14.29 1.73 8.48
C GLY A 58 14.16 1.32 7.01
N GLY A 59 13.25 0.40 6.75
CA GLY A 59 13.01 -0.08 5.41
C GLY A 59 11.52 -0.08 5.08
N HIS A 60 11.22 0.22 3.82
CA HIS A 60 9.84 0.26 3.36
C HIS A 60 9.24 -1.13 3.46
N LYS A 61 8.56 -1.37 4.58
CA LYS A 61 7.92 -2.65 4.81
C LYS A 61 6.68 -2.77 3.91
N CYS A 62 6.09 -1.62 3.61
CA CYS A 62 4.91 -1.59 2.77
C CYS A 62 5.36 -1.56 1.30
N PRO A 63 4.45 -2.05 0.41
CA PRO A 63 4.74 -2.08 -1.01
C PRO A 63 4.65 -0.69 -1.62
N ALA A 1 -16.45 1.74 8.51
CA ALA A 1 -16.45 1.18 7.17
C ALA A 1 -15.01 0.89 6.74
N HIS A 2 -14.84 -0.20 6.00
CA HIS A 2 -13.54 -0.59 5.52
C HIS A 2 -13.44 -0.33 4.01
N ILE A 3 -12.34 0.29 3.61
CA ILE A 3 -12.12 0.60 2.22
C ILE A 3 -11.50 -0.61 1.52
N ASP A 4 -11.25 -0.45 0.23
CA ASP A 4 -10.66 -1.52 -0.55
C ASP A 4 -9.17 -1.23 -0.77
N CYS A 5 -8.37 -1.62 0.21
CA CYS A 5 -6.94 -1.40 0.13
C CYS A 5 -6.33 -2.46 -0.79
N ASP A 6 -7.00 -3.61 -0.83
CA ASP A 6 -6.54 -4.71 -1.66
C ASP A 6 -6.94 -4.44 -3.11
N LYS A 7 -8.16 -3.93 -3.27
CA LYS A 7 -8.67 -3.63 -4.59
C LYS A 7 -7.77 -2.58 -5.26
N GLU A 8 -7.38 -1.59 -4.48
CA GLU A 8 -6.52 -0.53 -4.98
C GLU A 8 -5.14 -1.09 -5.32
N CYS A 9 -4.61 -1.87 -4.40
CA CYS A 9 -3.30 -2.48 -4.59
C CYS A 9 -3.41 -3.54 -5.68
N ASN A 10 -4.63 -4.01 -5.88
CA ASN A 10 -4.89 -5.03 -6.88
C ASN A 10 -4.71 -4.42 -8.28
N ARG A 11 -4.69 -3.10 -8.31
CA ARG A 11 -4.52 -2.38 -9.57
C ARG A 11 -3.05 -1.98 -9.77
N ARG A 12 -2.47 -1.46 -8.70
CA ARG A 12 -1.07 -1.04 -8.75
C ARG A 12 -0.16 -2.26 -8.93
N CYS A 13 -0.48 -3.31 -8.19
CA CYS A 13 0.30 -4.53 -8.26
C CYS A 13 -0.53 -5.59 -9.00
N SER A 14 -1.48 -5.11 -9.78
CA SER A 14 -2.34 -5.99 -10.55
C SER A 14 -1.50 -6.99 -11.33
N LYS A 15 -0.39 -6.51 -11.84
CA LYS A 15 0.52 -7.35 -12.62
C LYS A 15 1.91 -7.31 -11.99
N ALA A 16 1.93 -7.24 -10.67
CA ALA A 16 3.18 -7.19 -9.94
C ALA A 16 3.67 -8.62 -9.67
N SER A 17 4.92 -8.87 -10.03
CA SER A 17 5.51 -10.18 -9.83
C SER A 17 5.09 -10.74 -8.47
N ALA A 18 5.00 -9.84 -7.50
CA ALA A 18 4.62 -10.23 -6.15
C ALA A 18 3.18 -9.79 -5.89
N HIS A 19 2.27 -10.30 -6.71
CA HIS A 19 0.86 -9.97 -6.59
C HIS A 19 0.38 -10.34 -5.19
N ASP A 20 1.13 -11.23 -4.55
CA ASP A 20 0.79 -11.67 -3.21
C ASP A 20 1.61 -10.88 -2.19
N ARG A 21 2.92 -11.03 -2.28
CA ARG A 21 3.81 -10.34 -1.37
C ARG A 21 3.53 -8.83 -1.38
N CYS A 22 2.87 -8.40 -2.45
CA CYS A 22 2.54 -7.00 -2.60
C CYS A 22 1.19 -6.75 -1.91
N LEU A 23 0.15 -7.31 -2.50
CA LEU A 23 -1.19 -7.17 -1.95
C LEU A 23 -1.15 -7.42 -0.45
N LYS A 24 -0.71 -8.62 -0.09
CA LYS A 24 -0.62 -8.99 1.31
C LYS A 24 -0.10 -7.80 2.13
N TYR A 25 1.16 -7.46 1.88
CA TYR A 25 1.78 -6.35 2.57
C TYR A 25 0.85 -5.13 2.61
N CYS A 26 0.06 -5.01 1.56
CA CYS A 26 -0.88 -3.89 1.47
C CYS A 26 -1.96 -4.08 2.54
N GLY A 27 -2.50 -5.29 2.58
CA GLY A 27 -3.54 -5.61 3.56
C GLY A 27 -3.16 -5.11 4.95
N ILE A 28 -1.86 -5.16 5.23
CA ILE A 28 -1.35 -4.71 6.51
C ILE A 28 -1.28 -3.18 6.53
N CYS A 29 -0.62 -2.64 5.51
CA CYS A 29 -0.49 -1.20 5.40
C CYS A 29 -1.87 -0.56 5.54
N CYS A 30 -2.88 -1.35 5.21
CA CYS A 30 -4.26 -0.87 5.30
C CYS A 30 -4.58 -0.62 6.78
N GLU A 31 -4.11 -1.53 7.62
CA GLU A 31 -4.35 -1.41 9.05
C GLU A 31 -3.75 -0.10 9.57
N LYS A 32 -2.59 0.24 9.04
CA LYS A 32 -1.91 1.46 9.45
C LYS A 32 -2.76 2.67 9.07
N CYS A 33 -3.33 2.60 7.88
CA CYS A 33 -4.17 3.68 7.39
C CYS A 33 -4.99 3.15 6.21
N ASN A 34 -6.31 3.10 6.42
CA ASN A 34 -7.20 2.61 5.39
C ASN A 34 -7.24 3.62 4.24
N CYS A 35 -6.18 3.61 3.44
CA CYS A 35 -6.08 4.51 2.31
C CYS A 35 -4.98 3.99 1.38
N VAL A 36 -5.03 4.46 0.14
CA VAL A 36 -4.05 4.06 -0.86
C VAL A 36 -3.96 5.13 -1.94
N PRO A 37 -2.71 5.34 -2.43
CA PRO A 37 -2.48 6.33 -3.47
C PRO A 37 -2.96 5.83 -4.83
N PRO A 38 -3.37 6.80 -5.69
CA PRO A 38 -3.87 6.47 -7.01
C PRO A 38 -2.71 6.09 -7.94
N GLY A 39 -3.03 5.27 -8.93
CA GLY A 39 -2.03 4.82 -9.90
C GLY A 39 -0.68 4.59 -9.21
N THR A 40 0.35 5.23 -9.76
CA THR A 40 1.69 5.10 -9.22
C THR A 40 2.51 6.36 -9.54
N TYR A 41 2.84 7.10 -8.50
CA TYR A 41 3.62 8.31 -8.65
C TYR A 41 3.77 9.05 -7.32
N GLY A 42 4.21 10.29 -7.41
CA GLY A 42 4.38 11.11 -6.23
C GLY A 42 3.08 11.25 -5.44
N ASN A 43 1.99 10.87 -6.11
CA ASN A 43 0.68 10.93 -5.49
C ASN A 43 0.79 10.50 -4.02
N GLU A 44 1.74 9.61 -3.78
CA GLU A 44 1.96 9.10 -2.43
C GLU A 44 1.76 10.22 -1.40
N ASP A 45 2.38 11.36 -1.69
CA ASP A 45 2.28 12.50 -0.81
C ASP A 45 0.85 12.61 -0.27
N SER A 46 -0.10 12.55 -1.19
CA SER A 46 -1.50 12.64 -0.82
C SER A 46 -1.76 11.84 0.45
N CYS A 47 -1.33 10.58 0.42
CA CYS A 47 -1.51 9.70 1.55
C CYS A 47 -0.13 9.23 2.02
N PRO A 48 0.46 10.03 2.96
CA PRO A 48 1.77 9.72 3.49
C PRO A 48 1.69 8.56 4.49
N CYS A 49 0.49 8.35 5.01
CA CYS A 49 0.26 7.30 5.98
C CYS A 49 0.62 5.96 5.31
N TYR A 50 0.60 5.97 3.99
CA TYR A 50 0.92 4.78 3.23
C TYR A 50 2.23 4.96 2.46
N ALA A 51 2.65 6.21 2.35
CA ALA A 51 3.88 6.52 1.64
C ALA A 51 5.08 6.22 2.55
N ASN A 52 5.01 6.76 3.75
CA ASN A 52 6.08 6.55 4.73
C ASN A 52 5.74 5.35 5.60
N LEU A 53 4.94 4.46 5.04
CA LEU A 53 4.54 3.27 5.77
C LEU A 53 5.73 2.32 5.89
N LYS A 54 6.34 2.35 7.07
CA LYS A 54 7.50 1.50 7.34
C LYS A 54 7.41 0.97 8.76
N ASN A 55 8.34 0.09 9.08
CA ASN A 55 8.38 -0.52 10.40
C ASN A 55 9.43 0.20 11.26
N SER A 56 9.66 -0.36 12.43
CA SER A 56 10.64 0.22 13.35
C SER A 56 12.06 -0.07 12.85
N LYS A 57 12.24 -1.29 12.37
CA LYS A 57 13.55 -1.71 11.86
C LYS A 57 14.04 -0.68 10.85
N GLY A 58 13.10 0.06 10.29
CA GLY A 58 13.41 1.09 9.31
C GLY A 58 13.36 0.51 7.88
N GLY A 59 12.61 -0.57 7.74
CA GLY A 59 12.47 -1.21 6.45
C GLY A 59 11.09 -0.94 5.85
N HIS A 60 11.08 -0.77 4.54
CA HIS A 60 9.84 -0.49 3.83
C HIS A 60 8.89 -1.67 3.98
N LYS A 61 8.16 -1.66 5.09
CA LYS A 61 7.21 -2.73 5.38
C LYS A 61 6.10 -2.70 4.32
N CYS A 62 5.96 -1.56 3.66
CA CYS A 62 4.95 -1.39 2.64
C CYS A 62 5.53 -1.90 1.31
N PRO A 63 4.62 -2.40 0.44
CA PRO A 63 5.03 -2.91 -0.86
C PRO A 63 5.37 -1.76 -1.81
N ALA A 1 -17.69 4.38 5.22
CA ALA A 1 -17.58 2.94 5.07
C ALA A 1 -16.12 2.56 4.83
N HIS A 2 -15.78 1.35 5.24
CA HIS A 2 -14.43 0.86 5.08
C HIS A 2 -14.09 0.76 3.59
N ILE A 3 -13.04 1.46 3.21
CA ILE A 3 -12.60 1.47 1.82
C ILE A 3 -12.02 0.09 1.47
N ASP A 4 -11.81 -0.10 0.18
CA ASP A 4 -11.26 -1.36 -0.30
C ASP A 4 -9.78 -1.18 -0.64
N CYS A 5 -8.94 -1.63 0.27
CA CYS A 5 -7.50 -1.52 0.08
C CYS A 5 -7.02 -2.75 -0.69
N ASP A 6 -7.82 -3.81 -0.61
CA ASP A 6 -7.49 -5.04 -1.30
C ASP A 6 -7.95 -4.95 -2.75
N LYS A 7 -9.12 -4.35 -2.94
CA LYS A 7 -9.68 -4.21 -4.26
C LYS A 7 -8.93 -3.11 -5.01
N GLU A 8 -8.20 -2.31 -4.24
CA GLU A 8 -7.43 -1.22 -4.82
C GLU A 8 -5.96 -1.63 -4.99
N CYS A 9 -5.43 -2.26 -3.95
CA CYS A 9 -4.05 -2.71 -3.98
C CYS A 9 -3.90 -3.72 -5.12
N ASN A 10 -4.98 -4.46 -5.36
CA ASN A 10 -4.98 -5.45 -6.42
C ASN A 10 -4.70 -4.77 -7.76
N ARG A 11 -4.86 -3.46 -7.76
CA ARG A 11 -4.64 -2.68 -8.97
C ARG A 11 -3.27 -2.00 -8.92
N ARG A 12 -2.89 -1.59 -7.72
CA ARG A 12 -1.61 -0.94 -7.52
C ARG A 12 -0.47 -1.89 -7.88
N CYS A 13 -0.60 -3.12 -7.42
CA CYS A 13 0.40 -4.13 -7.69
C CYS A 13 -0.20 -5.19 -8.61
N SER A 14 -1.13 -4.74 -9.45
CA SER A 14 -1.79 -5.63 -10.38
C SER A 14 -0.77 -6.25 -11.33
N LYS A 15 0.33 -5.53 -11.51
CA LYS A 15 1.39 -5.99 -12.39
C LYS A 15 2.71 -5.98 -11.63
N ALA A 16 2.62 -6.29 -10.34
CA ALA A 16 3.80 -6.32 -9.50
C ALA A 16 4.20 -7.77 -9.25
N SER A 17 5.44 -8.08 -9.58
CA SER A 17 5.96 -9.42 -9.39
C SER A 17 5.52 -9.98 -8.04
N ALA A 18 5.60 -9.11 -7.03
CA ALA A 18 5.21 -9.50 -5.68
C ALA A 18 3.72 -9.20 -5.49
N HIS A 19 2.91 -9.74 -6.37
CA HIS A 19 1.48 -9.54 -6.30
C HIS A 19 0.95 -10.06 -4.97
N ASP A 20 1.77 -10.87 -4.32
CA ASP A 20 1.40 -11.44 -3.03
C ASP A 20 2.05 -10.63 -1.91
N ARG A 21 3.37 -10.64 -1.91
CA ARG A 21 4.12 -9.91 -0.89
C ARG A 21 3.71 -8.43 -0.89
N CYS A 22 3.10 -8.02 -1.99
CA CYS A 22 2.64 -6.65 -2.11
C CYS A 22 1.22 -6.55 -1.56
N LEU A 23 0.30 -7.19 -2.27
CA LEU A 23 -1.10 -7.19 -1.86
C LEU A 23 -1.20 -7.60 -0.39
N LYS A 24 -0.72 -8.81 -0.12
CA LYS A 24 -0.74 -9.33 1.24
C LYS A 24 -0.38 -8.21 2.22
N TYR A 25 0.86 -7.77 2.14
CA TYR A 25 1.35 -6.70 3.01
C TYR A 25 0.45 -5.47 2.91
N CYS A 26 -0.20 -5.34 1.77
CA CYS A 26 -1.09 -4.21 1.54
C CYS A 26 -2.29 -4.36 2.48
N GLY A 27 -2.86 -5.56 2.49
CA GLY A 27 -4.01 -5.83 3.33
C GLY A 27 -3.75 -5.41 4.77
N ILE A 28 -2.47 -5.31 5.11
CA ILE A 28 -2.07 -4.91 6.45
C ILE A 28 -1.88 -3.39 6.49
N CYS A 29 -1.10 -2.90 5.54
CA CYS A 29 -0.84 -1.47 5.47
C CYS A 29 -2.17 -0.72 5.53
N CYS A 30 -3.22 -1.43 5.12
CA CYS A 30 -4.55 -0.84 5.14
C CYS A 30 -4.95 -0.61 6.60
N GLU A 31 -4.70 -1.62 7.42
CA GLU A 31 -5.04 -1.53 8.83
C GLU A 31 -4.42 -0.28 9.45
N LYS A 32 -3.20 0.01 9.03
CA LYS A 32 -2.48 1.17 9.52
C LYS A 32 -3.21 2.45 9.07
N CYS A 33 -3.63 2.44 7.83
CA CYS A 33 -4.33 3.58 7.27
C CYS A 33 -5.14 3.10 6.05
N ASN A 34 -6.45 3.17 6.19
CA ASN A 34 -7.35 2.76 5.12
C ASN A 34 -7.29 3.78 3.98
N CYS A 35 -6.24 3.66 3.18
CA CYS A 35 -6.05 4.57 2.05
C CYS A 35 -4.98 3.99 1.15
N VAL A 36 -4.96 4.47 -0.09
CA VAL A 36 -3.99 4.01 -1.07
C VAL A 36 -3.83 5.07 -2.16
N PRO A 37 -2.57 5.22 -2.63
CA PRO A 37 -2.26 6.20 -3.67
C PRO A 37 -2.75 5.70 -5.03
N PRO A 38 -3.10 6.68 -5.91
CA PRO A 38 -3.58 6.36 -7.24
C PRO A 38 -2.42 5.93 -8.15
N GLY A 39 -2.77 5.12 -9.14
CA GLY A 39 -1.78 4.63 -10.08
C GLY A 39 -0.46 4.33 -9.37
N THR A 40 0.60 4.91 -9.91
CA THR A 40 1.92 4.71 -9.33
C THR A 40 2.83 5.92 -9.64
N TYR A 41 3.17 6.64 -8.57
CA TYR A 41 4.01 7.81 -8.72
C TYR A 41 4.16 8.54 -7.38
N GLY A 42 4.68 9.76 -7.46
CA GLY A 42 4.87 10.56 -6.27
C GLY A 42 3.55 10.77 -5.52
N ASN A 43 2.47 10.46 -6.21
CA ASN A 43 1.14 10.60 -5.63
C ASN A 43 1.19 10.17 -4.16
N GLU A 44 2.08 9.23 -3.88
CA GLU A 44 2.23 8.72 -2.53
C GLU A 44 2.06 9.86 -1.52
N ASP A 45 2.75 10.95 -1.79
CA ASP A 45 2.69 12.11 -0.92
C ASP A 45 1.26 12.30 -0.42
N SER A 46 0.33 12.30 -1.36
CA SER A 46 -1.08 12.46 -1.03
C SER A 46 -1.40 11.70 0.25
N CYS A 47 -1.01 10.43 0.27
CA CYS A 47 -1.25 9.59 1.42
C CYS A 47 0.09 9.11 1.96
N PRO A 48 0.67 9.92 2.88
CA PRO A 48 1.95 9.58 3.48
C PRO A 48 1.80 8.47 4.52
N CYS A 49 0.57 8.31 5.00
CA CYS A 49 0.29 7.30 5.99
C CYS A 49 0.66 5.93 5.40
N TYR A 50 0.71 5.89 4.08
CA TYR A 50 1.06 4.66 3.38
C TYR A 50 2.38 4.82 2.62
N ALA A 51 2.82 6.06 2.52
CA ALA A 51 4.06 6.36 1.81
C ALA A 51 5.23 6.21 2.79
N ASN A 52 4.93 6.36 4.07
CA ASN A 52 5.94 6.25 5.09
C ASN A 52 5.86 4.86 5.74
N LEU A 53 4.69 4.25 5.61
CA LEU A 53 4.48 2.92 6.17
C LEU A 53 5.72 2.07 5.93
N LYS A 54 6.42 1.79 7.02
CA LYS A 54 7.62 0.97 6.95
C LYS A 54 7.81 0.21 8.27
N ASN A 55 8.94 -0.45 8.39
CA ASN A 55 9.25 -1.22 9.57
C ASN A 55 10.11 -0.37 10.51
N SER A 56 10.55 -1.00 11.59
CA SER A 56 11.38 -0.32 12.57
C SER A 56 12.82 -0.22 12.05
N LYS A 57 13.21 -1.21 11.28
CA LYS A 57 14.54 -1.25 10.71
C LYS A 57 14.76 -0.01 9.83
N GLY A 58 13.65 0.63 9.48
CA GLY A 58 13.69 1.82 8.66
C GLY A 58 13.64 1.45 7.17
N GLY A 59 13.04 0.30 6.90
CA GLY A 59 12.92 -0.17 5.53
C GLY A 59 11.45 -0.21 5.10
N HIS A 60 11.20 0.29 3.90
CA HIS A 60 9.84 0.31 3.37
C HIS A 60 9.31 -1.12 3.28
N LYS A 61 8.76 -1.58 4.40
CA LYS A 61 8.21 -2.93 4.46
C LYS A 61 6.89 -2.96 3.68
N CYS A 62 6.22 -1.83 3.65
CA CYS A 62 4.95 -1.73 2.95
C CYS A 62 5.23 -1.45 1.47
N PRO A 63 4.30 -1.93 0.61
CA PRO A 63 4.44 -1.75 -0.82
C PRO A 63 4.13 -0.31 -1.22
#